data_6V5I
# 
_entry.id   6V5I 
# 
_audit_conform.dict_name       mmcif_pdbx.dic 
_audit_conform.dict_version    5.397 
_audit_conform.dict_location   http://mmcif.pdb.org/dictionaries/ascii/mmcif_pdbx.dic 
# 
loop_
_database_2.database_id 
_database_2.database_code 
_database_2.pdbx_database_accession 
_database_2.pdbx_DOI 
PDB   6V5I         pdb_00006v5i 10.2210/pdb6v5i/pdb 
WWPDB D_1000245516 ?            ?                   
# 
loop_
_pdbx_audit_revision_history.ordinal 
_pdbx_audit_revision_history.data_content_type 
_pdbx_audit_revision_history.major_revision 
_pdbx_audit_revision_history.minor_revision 
_pdbx_audit_revision_history.revision_date 
1 'Structure model' 1 0 2020-04-29 
2 'Structure model' 1 1 2020-05-20 
3 'Structure model' 1 2 2023-10-11 
4 'Structure model' 1 3 2024-10-30 
# 
_pdbx_audit_revision_details.ordinal             1 
_pdbx_audit_revision_details.revision_ordinal    1 
_pdbx_audit_revision_details.data_content_type   'Structure model' 
_pdbx_audit_revision_details.provider            repository 
_pdbx_audit_revision_details.type                'Initial release' 
_pdbx_audit_revision_details.description         ? 
_pdbx_audit_revision_details.details             ? 
# 
loop_
_pdbx_audit_revision_group.ordinal 
_pdbx_audit_revision_group.revision_ordinal 
_pdbx_audit_revision_group.data_content_type 
_pdbx_audit_revision_group.group 
1 2 'Structure model' 'Database references'    
2 3 'Structure model' 'Data collection'        
3 3 'Structure model' 'Database references'    
4 3 'Structure model' 'Refinement description' 
5 4 'Structure model' 'Structure summary'      
# 
loop_
_pdbx_audit_revision_category.ordinal 
_pdbx_audit_revision_category.revision_ordinal 
_pdbx_audit_revision_category.data_content_type 
_pdbx_audit_revision_category.category 
1 2 'Structure model' citation                      
2 3 'Structure model' chem_comp_atom                
3 3 'Structure model' chem_comp_bond                
4 3 'Structure model' database_2                    
5 3 'Structure model' pdbx_initial_refinement_model 
6 4 'Structure model' pdbx_entry_details            
7 4 'Structure model' pdbx_modification_feature     
# 
loop_
_pdbx_audit_revision_item.ordinal 
_pdbx_audit_revision_item.revision_ordinal 
_pdbx_audit_revision_item.data_content_type 
_pdbx_audit_revision_item.item 
1 2 'Structure model' '_citation.journal_volume'                     
2 2 'Structure model' '_citation.page_first'                         
3 2 'Structure model' '_citation.page_last'                          
4 2 'Structure model' '_citation.title'                              
5 3 'Structure model' '_database_2.pdbx_DOI'                         
6 3 'Structure model' '_database_2.pdbx_database_accession'          
7 4 'Structure model' '_pdbx_entry_details.has_protein_modification' 
# 
_pdbx_database_status.status_code                     REL 
_pdbx_database_status.status_code_sf                  REL 
_pdbx_database_status.status_code_mr                  ? 
_pdbx_database_status.entry_id                        6V5I 
_pdbx_database_status.recvd_initial_deposition_date   2019-12-04 
_pdbx_database_status.SG_entry                        N 
_pdbx_database_status.deposit_site                    RCSB 
_pdbx_database_status.process_site                    RCSB 
_pdbx_database_status.status_code_cs                  ? 
_pdbx_database_status.methods_development_category    ? 
_pdbx_database_status.pdb_format_compatible           Y 
_pdbx_database_status.status_code_nmr_data            ? 
# 
loop_
_audit_author.name 
_audit_author.pdbx_ordinal 
_audit_author.identifier_ORCID 
'Smith, M.S.'    1 ? 
'Stern, K.L.'    2 ? 
'Billings, W.M.' 3 ? 
'Price, J.L.'    4 ? 
# 
_citation.abstract                  ? 
_citation.abstract_id_CAS           ? 
_citation.book_id_ISBN              ? 
_citation.book_publisher            ? 
_citation.book_publisher_city       ? 
_citation.book_title                ? 
_citation.coordinate_linkage        ? 
_citation.country                   US 
_citation.database_id_Medline       ? 
_citation.details                   ? 
_citation.id                        primary 
_citation.journal_abbrev            Biochemistry 
_citation.journal_id_ASTM           BICHAW 
_citation.journal_id_CSD            0033 
_citation.journal_id_ISSN           0006-2960 
_citation.journal_full              ? 
_citation.journal_issue             ? 
_citation.journal_volume            59 
_citation.language                  ? 
_citation.page_first                1672 
_citation.page_last                 1679 
_citation.title                     
'Context-Dependent Stabilizing Interactions among Solvent-Exposed Residues along the Surface of a Trimeric Helix Bundle.' 
_citation.year                      2020 
_citation.database_id_CSD           ? 
_citation.pdbx_database_id_DOI      10.1021/acs.biochem.0c00045 
_citation.pdbx_database_id_PubMed   32270676 
_citation.unpublished_flag          ? 
# 
loop_
_citation_author.citation_id 
_citation_author.name 
_citation_author.ordinal 
_citation_author.identifier_ORCID 
primary 'Stern, K.L.'     1 ? 
primary 'Smith, M.S.'     2 ? 
primary 'Billings, W.M.'  3 ? 
primary 'Loftus, T.J.'    4 ? 
primary 'Conover, B.M.'   5 ? 
primary 'Della Corte, D.' 6 ? 
primary 'Price, J.L.'     7 ? 
# 
loop_
_entity.id 
_entity.type 
_entity.src_method 
_entity.pdbx_description 
_entity.formula_weight 
_entity.pdbx_number_of_molecules 
_entity.pdbx_ec 
_entity.pdbx_mutation 
_entity.pdbx_fragment 
_entity.details 
1 polymer     syn 'Coiled-coil Trimer with Ala:Leu:Ala Triad' 3750.321 2  ? ? ? ? 
2 non-polymer syn 'PENTAETHYLENE GLYCOL'                      238.278  1  ? ? ? ? 
3 water       nat water                                       18.015   92 ? ? ? ? 
# 
_entity_poly.entity_id                      1 
_entity_poly.type                           'polypeptide(L)' 
_entity_poly.nstd_linkage                   no 
_entity_poly.nstd_monomer                   yes 
_entity_poly.pdbx_seq_one_letter_code       '(ACE)EVEALEKKVAALELKVQALEKKVEALEHGWDGR' 
_entity_poly.pdbx_seq_one_letter_code_can   XEVEALEKKVAALELKVQALEKKVEALEHGWDGR 
_entity_poly.pdbx_strand_id                 A,B 
_entity_poly.pdbx_target_identifier         ? 
# 
loop_
_pdbx_entity_nonpoly.entity_id 
_pdbx_entity_nonpoly.name 
_pdbx_entity_nonpoly.comp_id 
2 'PENTAETHYLENE GLYCOL' 1PE 
3 water                  HOH 
# 
loop_
_entity_poly_seq.entity_id 
_entity_poly_seq.num 
_entity_poly_seq.mon_id 
_entity_poly_seq.hetero 
1 1  ACE n 
1 2  GLU n 
1 3  VAL n 
1 4  GLU n 
1 5  ALA n 
1 6  LEU n 
1 7  GLU n 
1 8  LYS n 
1 9  LYS n 
1 10 VAL n 
1 11 ALA n 
1 12 ALA n 
1 13 LEU n 
1 14 GLU n 
1 15 LEU n 
1 16 LYS n 
1 17 VAL n 
1 18 GLN n 
1 19 ALA n 
1 20 LEU n 
1 21 GLU n 
1 22 LYS n 
1 23 LYS n 
1 24 VAL n 
1 25 GLU n 
1 26 ALA n 
1 27 LEU n 
1 28 GLU n 
1 29 HIS n 
1 30 GLY n 
1 31 TRP n 
1 32 ASP n 
1 33 GLY n 
1 34 ARG n 
# 
_pdbx_entity_src_syn.entity_id              1 
_pdbx_entity_src_syn.pdbx_src_id            1 
_pdbx_entity_src_syn.pdbx_alt_source_flag   sample 
_pdbx_entity_src_syn.pdbx_beg_seq_num       1 
_pdbx_entity_src_syn.pdbx_end_seq_num       34 
_pdbx_entity_src_syn.organism_scientific    'synthetic construct' 
_pdbx_entity_src_syn.organism_common_name   ? 
_pdbx_entity_src_syn.ncbi_taxonomy_id       32630 
_pdbx_entity_src_syn.details                ? 
# 
loop_
_chem_comp.id 
_chem_comp.type 
_chem_comp.mon_nstd_flag 
_chem_comp.name 
_chem_comp.pdbx_synonyms 
_chem_comp.formula 
_chem_comp.formula_weight 
1PE non-polymer         . 'PENTAETHYLENE GLYCOL' PEG400 'C10 H22 O6'     238.278 
ACE non-polymer         . 'ACETYL GROUP'         ?      'C2 H4 O'        44.053  
ALA 'L-peptide linking' y ALANINE                ?      'C3 H7 N O2'     89.093  
ARG 'L-peptide linking' y ARGININE               ?      'C6 H15 N4 O2 1' 175.209 
ASP 'L-peptide linking' y 'ASPARTIC ACID'        ?      'C4 H7 N O4'     133.103 
GLN 'L-peptide linking' y GLUTAMINE              ?      'C5 H10 N2 O3'   146.144 
GLU 'L-peptide linking' y 'GLUTAMIC ACID'        ?      'C5 H9 N O4'     147.129 
GLY 'peptide linking'   y GLYCINE                ?      'C2 H5 N O2'     75.067  
HIS 'L-peptide linking' y HISTIDINE              ?      'C6 H10 N3 O2 1' 156.162 
HOH non-polymer         . WATER                  ?      'H2 O'           18.015  
LEU 'L-peptide linking' y LEUCINE                ?      'C6 H13 N O2'    131.173 
LYS 'L-peptide linking' y LYSINE                 ?      'C6 H15 N2 O2 1' 147.195 
TRP 'L-peptide linking' y TRYPTOPHAN             ?      'C11 H12 N2 O2'  204.225 
VAL 'L-peptide linking' y VALINE                 ?      'C5 H11 N O2'    117.146 
# 
loop_
_pdbx_poly_seq_scheme.asym_id 
_pdbx_poly_seq_scheme.entity_id 
_pdbx_poly_seq_scheme.seq_id 
_pdbx_poly_seq_scheme.mon_id 
_pdbx_poly_seq_scheme.ndb_seq_num 
_pdbx_poly_seq_scheme.pdb_seq_num 
_pdbx_poly_seq_scheme.auth_seq_num 
_pdbx_poly_seq_scheme.pdb_mon_id 
_pdbx_poly_seq_scheme.auth_mon_id 
_pdbx_poly_seq_scheme.pdb_strand_id 
_pdbx_poly_seq_scheme.pdb_ins_code 
_pdbx_poly_seq_scheme.hetero 
A 1 1  ACE 1  0  0  ACE ACE A . n 
A 1 2  GLU 2  1  1  GLU GLU A . n 
A 1 3  VAL 3  2  2  VAL VAL A . n 
A 1 4  GLU 4  3  3  GLU GLU A . n 
A 1 5  ALA 5  4  4  ALA ALA A . n 
A 1 6  LEU 6  5  5  LEU LEU A . n 
A 1 7  GLU 7  6  6  GLU GLU A . n 
A 1 8  LYS 8  7  7  LYS LYS A . n 
A 1 9  LYS 9  8  8  LYS LYS A . n 
A 1 10 VAL 10 9  9  VAL VAL A . n 
A 1 11 ALA 11 10 10 ALA ALA A . n 
A 1 12 ALA 12 11 11 ALA ALA A . n 
A 1 13 LEU 13 12 12 LEU LEU A . n 
A 1 14 GLU 14 13 13 GLU GLU A . n 
A 1 15 LEU 15 14 14 LEU LEU A . n 
A 1 16 LYS 16 15 15 LYS LYS A . n 
A 1 17 VAL 17 16 16 VAL VAL A . n 
A 1 18 GLN 18 17 17 GLN GLN A . n 
A 1 19 ALA 19 18 18 ALA ALA A . n 
A 1 20 LEU 20 19 19 LEU LEU A . n 
A 1 21 GLU 21 20 20 GLU GLU A . n 
A 1 22 LYS 22 21 21 LYS LYS A . n 
A 1 23 LYS 23 22 22 LYS LYS A . n 
A 1 24 VAL 24 23 23 VAL VAL A . n 
A 1 25 GLU 25 24 24 GLU GLU A . n 
A 1 26 ALA 26 25 25 ALA ALA A . n 
A 1 27 LEU 27 26 26 LEU LEU A . n 
A 1 28 GLU 28 27 27 GLU GLU A . n 
A 1 29 HIS 29 28 28 HIS HIS A . n 
A 1 30 GLY 30 29 29 GLY GLY A . n 
A 1 31 TRP 31 30 30 TRP TRP A . n 
A 1 32 ASP 32 31 31 ASP ASP A . n 
A 1 33 GLY 33 32 32 GLY GLY A . n 
A 1 34 ARG 34 33 33 ARG ARG A . n 
B 1 1  ACE 1  0  0  ACE ACE B . n 
B 1 2  GLU 2  1  1  GLU GLU B . n 
B 1 3  VAL 3  2  2  VAL VAL B . n 
B 1 4  GLU 4  3  3  GLU GLU B . n 
B 1 5  ALA 5  4  4  ALA ALA B . n 
B 1 6  LEU 6  5  5  LEU LEU B . n 
B 1 7  GLU 7  6  6  GLU GLU B . n 
B 1 8  LYS 8  7  7  LYS LYS B . n 
B 1 9  LYS 9  8  8  LYS LYS B . n 
B 1 10 VAL 10 9  9  VAL VAL B . n 
B 1 11 ALA 11 10 10 ALA ALA B . n 
B 1 12 ALA 12 11 11 ALA ALA B . n 
B 1 13 LEU 13 12 12 LEU LEU B . n 
B 1 14 GLU 14 13 13 GLU GLU B . n 
B 1 15 LEU 15 14 14 LEU LEU B . n 
B 1 16 LYS 16 15 15 LYS LYS B . n 
B 1 17 VAL 17 16 16 VAL VAL B . n 
B 1 18 GLN 18 17 17 GLN GLN B . n 
B 1 19 ALA 19 18 18 ALA ALA B . n 
B 1 20 LEU 20 19 19 LEU LEU B . n 
B 1 21 GLU 21 20 20 GLU GLU B . n 
B 1 22 LYS 22 21 21 LYS LYS B . n 
B 1 23 LYS 23 22 22 LYS LYS B . n 
B 1 24 VAL 24 23 23 VAL VAL B . n 
B 1 25 GLU 25 24 24 GLU GLU B . n 
B 1 26 ALA 26 25 25 ALA ALA B . n 
B 1 27 LEU 27 26 26 LEU LEU B . n 
B 1 28 GLU 28 27 27 GLU GLU B . n 
B 1 29 HIS 29 28 28 HIS HIS B . n 
B 1 30 GLY 30 29 29 GLY GLY B . n 
B 1 31 TRP 31 30 30 TRP TRP B . n 
B 1 32 ASP 32 31 31 ASP ASP B . n 
B 1 33 GLY 33 32 32 GLY GLY B . n 
B 1 34 ARG 34 33 33 ARG ARG B . n 
# 
loop_
_pdbx_nonpoly_scheme.asym_id 
_pdbx_nonpoly_scheme.entity_id 
_pdbx_nonpoly_scheme.mon_id 
_pdbx_nonpoly_scheme.ndb_seq_num 
_pdbx_nonpoly_scheme.pdb_seq_num 
_pdbx_nonpoly_scheme.auth_seq_num 
_pdbx_nonpoly_scheme.pdb_mon_id 
_pdbx_nonpoly_scheme.auth_mon_id 
_pdbx_nonpoly_scheme.pdb_strand_id 
_pdbx_nonpoly_scheme.pdb_ins_code 
C 2 1PE 1  101 1  1PE 1PE B . 
D 3 HOH 1  101 64 HOH HOH A . 
D 3 HOH 2  102 48 HOH HOH A . 
D 3 HOH 3  103 22 HOH HOH A . 
D 3 HOH 4  104 18 HOH HOH A . 
D 3 HOH 5  105 26 HOH HOH A . 
D 3 HOH 6  106 82 HOH HOH A . 
D 3 HOH 7  107 33 HOH HOH A . 
D 3 HOH 8  108 74 HOH HOH A . 
D 3 HOH 9  109 20 HOH HOH A . 
D 3 HOH 10 110 42 HOH HOH A . 
D 3 HOH 11 111 6  HOH HOH A . 
D 3 HOH 12 112 4  HOH HOH A . 
D 3 HOH 13 113 3  HOH HOH A . 
D 3 HOH 14 114 21 HOH HOH A . 
D 3 HOH 15 115 86 HOH HOH A . 
D 3 HOH 16 116 2  HOH HOH A . 
D 3 HOH 17 117 47 HOH HOH A . 
D 3 HOH 18 118 72 HOH HOH A . 
D 3 HOH 19 119 29 HOH HOH A . 
D 3 HOH 20 120 69 HOH HOH A . 
D 3 HOH 21 121 75 HOH HOH A . 
D 3 HOH 22 122 39 HOH HOH A . 
D 3 HOH 23 123 85 HOH HOH A . 
D 3 HOH 24 124 40 HOH HOH A . 
D 3 HOH 25 125 34 HOH HOH A . 
D 3 HOH 26 126 67 HOH HOH A . 
D 3 HOH 27 127 49 HOH HOH A . 
D 3 HOH 28 128 66 HOH HOH A . 
D 3 HOH 29 129 54 HOH HOH A . 
D 3 HOH 30 130 70 HOH HOH A . 
D 3 HOH 31 131 7  HOH HOH A . 
D 3 HOH 32 132 30 HOH HOH A . 
D 3 HOH 33 133 83 HOH HOH A . 
D 3 HOH 34 134 16 HOH HOH A . 
D 3 HOH 35 135 62 HOH HOH A . 
D 3 HOH 36 136 61 HOH HOH A . 
D 3 HOH 37 137 28 HOH HOH A . 
D 3 HOH 38 138 5  HOH HOH A . 
D 3 HOH 39 139 25 HOH HOH A . 
D 3 HOH 40 140 90 HOH HOH A . 
D 3 HOH 41 141 88 HOH HOH A . 
E 3 HOH 1  201 76 HOH HOH B . 
E 3 HOH 2  202 71 HOH HOH B . 
E 3 HOH 3  203 65 HOH HOH B . 
E 3 HOH 4  204 11 HOH HOH B . 
E 3 HOH 5  205 27 HOH HOH B . 
E 3 HOH 6  206 14 HOH HOH B . 
E 3 HOH 7  207 9  HOH HOH B . 
E 3 HOH 8  208 36 HOH HOH B . 
E 3 HOH 9  209 59 HOH HOH B . 
E 3 HOH 10 210 52 HOH HOH B . 
E 3 HOH 11 211 1  HOH HOH B . 
E 3 HOH 12 212 37 HOH HOH B . 
E 3 HOH 13 213 38 HOH HOH B . 
E 3 HOH 14 214 10 HOH HOH B . 
E 3 HOH 15 215 8  HOH HOH B . 
E 3 HOH 16 216 73 HOH HOH B . 
E 3 HOH 17 217 57 HOH HOH B . 
E 3 HOH 18 218 15 HOH HOH B . 
E 3 HOH 19 219 91 HOH HOH B . 
E 3 HOH 20 220 12 HOH HOH B . 
E 3 HOH 21 221 13 HOH HOH B . 
E 3 HOH 22 222 19 HOH HOH B . 
E 3 HOH 23 223 31 HOH HOH B . 
E 3 HOH 24 224 17 HOH HOH B . 
E 3 HOH 25 225 78 HOH HOH B . 
E 3 HOH 26 226 24 HOH HOH B . 
E 3 HOH 27 227 58 HOH HOH B . 
E 3 HOH 28 228 79 HOH HOH B . 
E 3 HOH 29 229 56 HOH HOH B . 
E 3 HOH 30 230 35 HOH HOH B . 
E 3 HOH 31 231 41 HOH HOH B . 
E 3 HOH 32 232 81 HOH HOH B . 
E 3 HOH 33 233 84 HOH HOH B . 
E 3 HOH 34 234 45 HOH HOH B . 
E 3 HOH 35 235 80 HOH HOH B . 
E 3 HOH 36 236 77 HOH HOH B . 
E 3 HOH 37 237 44 HOH HOH B . 
E 3 HOH 38 238 23 HOH HOH B . 
E 3 HOH 39 239 43 HOH HOH B . 
E 3 HOH 40 240 92 HOH HOH B . 
E 3 HOH 41 241 32 HOH HOH B . 
E 3 HOH 42 242 51 HOH HOH B . 
E 3 HOH 43 243 89 HOH HOH B . 
E 3 HOH 44 244 60 HOH HOH B . 
E 3 HOH 45 245 53 HOH HOH B . 
E 3 HOH 46 246 55 HOH HOH B . 
E 3 HOH 47 247 46 HOH HOH B . 
E 3 HOH 48 248 68 HOH HOH B . 
E 3 HOH 49 249 63 HOH HOH B . 
E 3 HOH 50 250 50 HOH HOH B . 
E 3 HOH 51 251 87 HOH HOH B . 
# 
loop_
_software.citation_id 
_software.classification 
_software.compiler_name 
_software.compiler_version 
_software.contact_author 
_software.contact_author_email 
_software.date 
_software.description 
_software.dependencies 
_software.hardware 
_software.language 
_software.location 
_software.mods 
_software.name 
_software.os 
_software.os_version 
_software.type 
_software.version 
_software.pdbx_ordinal 
? refinement        ? ? ? ? ? ? ? ? ? ? ? PHENIX         ? ? ? dev_2906 1 
? 'data extraction' ? ? ? ? ? ? ? ? ? ? ? PDB_EXTRACT    ? ? ? 3.25     2 
? 'data reduction'  ? ? ? ? ? ? ? ? ? ? ? 'PROTEUM PLUS' ? ? ? .        3 
? 'data scaling'    ? ? ? ? ? ? ? ? ? ? ? 'PROTEUM PLUS' ? ? ? .        4 
? phasing           ? ? ? ? ? ? ? ? ? ? ? PHENIX         ? ? ? .        5 
# 
_cell.angle_alpha                  90.000 
_cell.angle_alpha_esd              ? 
_cell.angle_beta                   90.000 
_cell.angle_beta_esd               ? 
_cell.angle_gamma                  120.000 
_cell.angle_gamma_esd              ? 
_cell.entry_id                     6V5I 
_cell.details                      ? 
_cell.formula_units_Z              ? 
_cell.length_a                     37.860 
_cell.length_a_esd                 ? 
_cell.length_b                     37.860 
_cell.length_b_esd                 ? 
_cell.length_c                     105.847 
_cell.length_c_esd                 ? 
_cell.volume                       ? 
_cell.volume_esd                   ? 
_cell.Z_PDB                        18 
_cell.reciprocal_angle_alpha       ? 
_cell.reciprocal_angle_beta        ? 
_cell.reciprocal_angle_gamma       ? 
_cell.reciprocal_angle_alpha_esd   ? 
_cell.reciprocal_angle_beta_esd    ? 
_cell.reciprocal_angle_gamma_esd   ? 
_cell.reciprocal_length_a          ? 
_cell.reciprocal_length_b          ? 
_cell.reciprocal_length_c          ? 
_cell.reciprocal_length_a_esd      ? 
_cell.reciprocal_length_b_esd      ? 
_cell.reciprocal_length_c_esd      ? 
_cell.pdbx_unique_axis             ? 
# 
_symmetry.entry_id                         6V5I 
_symmetry.cell_setting                     ? 
_symmetry.Int_Tables_number                146 
_symmetry.space_group_name_Hall            ? 
_symmetry.space_group_name_H-M             'H 3' 
_symmetry.pdbx_full_space_group_name_H-M   ? 
# 
_exptl.absorpt_coefficient_mu     ? 
_exptl.absorpt_correction_T_max   ? 
_exptl.absorpt_correction_T_min   ? 
_exptl.absorpt_correction_type    ? 
_exptl.absorpt_process_details    ? 
_exptl.entry_id                   6V5I 
_exptl.crystals_number            1 
_exptl.details                    ? 
_exptl.method                     'X-RAY DIFFRACTION' 
_exptl.method_details             ? 
# 
_exptl_crystal.colour                      ? 
_exptl_crystal.density_diffrn              ? 
_exptl_crystal.density_Matthews            1.95 
_exptl_crystal.density_method              ? 
_exptl_crystal.density_percent_sol         36.81 
_exptl_crystal.description                 ? 
_exptl_crystal.F_000                       ? 
_exptl_crystal.id                          1 
_exptl_crystal.preparation                 ? 
_exptl_crystal.size_max                    ? 
_exptl_crystal.size_mid                    ? 
_exptl_crystal.size_min                    ? 
_exptl_crystal.size_rad                    ? 
_exptl_crystal.colour_lustre               ? 
_exptl_crystal.colour_modifier             ? 
_exptl_crystal.colour_primary              ? 
_exptl_crystal.density_meas                ? 
_exptl_crystal.density_meas_esd            ? 
_exptl_crystal.density_meas_gt             ? 
_exptl_crystal.density_meas_lt             ? 
_exptl_crystal.density_meas_temp           ? 
_exptl_crystal.density_meas_temp_esd       ? 
_exptl_crystal.density_meas_temp_gt        ? 
_exptl_crystal.density_meas_temp_lt        ? 
_exptl_crystal.pdbx_crystal_image_url      ? 
_exptl_crystal.pdbx_crystal_image_format   ? 
_exptl_crystal.pdbx_mosaicity              ? 
_exptl_crystal.pdbx_mosaicity_esd          ? 
# 
_exptl_crystal_grow.apparatus       ? 
_exptl_crystal_grow.atmosphere      ? 
_exptl_crystal_grow.crystal_id      1 
_exptl_crystal_grow.details         ? 
_exptl_crystal_grow.method          'VAPOR DIFFUSION, SITTING DROP' 
_exptl_crystal_grow.method_ref      ? 
_exptl_crystal_grow.pH              ? 
_exptl_crystal_grow.pressure        ? 
_exptl_crystal_grow.pressure_esd    ? 
_exptl_crystal_grow.seeding         ? 
_exptl_crystal_grow.seeding_ref     ? 
_exptl_crystal_grow.temp            298 
_exptl_crystal_grow.temp_details    ? 
_exptl_crystal_grow.temp_esd        ? 
_exptl_crystal_grow.time            ? 
_exptl_crystal_grow.pdbx_details    '40% PEG300, 100 mM HEPES/NaOH, pH 7.5, 200 mM sodium chloride' 
_exptl_crystal_grow.pdbx_pH_range   ? 
# 
_diffrn.ambient_environment              ? 
_diffrn.ambient_temp                     100 
_diffrn.ambient_temp_details             ? 
_diffrn.ambient_temp_esd                 ? 
_diffrn.crystal_id                       1 
_diffrn.crystal_support                  ? 
_diffrn.crystal_treatment                ? 
_diffrn.details                          ? 
_diffrn.id                               1 
_diffrn.ambient_pressure                 ? 
_diffrn.ambient_pressure_esd             ? 
_diffrn.ambient_pressure_gt              ? 
_diffrn.ambient_pressure_lt              ? 
_diffrn.ambient_temp_gt                  ? 
_diffrn.ambient_temp_lt                  ? 
_diffrn.pdbx_serial_crystal_experiment   N 
# 
_diffrn_detector.details                      ? 
_diffrn_detector.detector                     CCD 
_diffrn_detector.diffrn_id                    1 
_diffrn_detector.type                         'APEX II CCD' 
_diffrn_detector.area_resol_mean              ? 
_diffrn_detector.dtime                        ? 
_diffrn_detector.pdbx_frames_total            ? 
_diffrn_detector.pdbx_collection_time_total   ? 
_diffrn_detector.pdbx_collection_date         2017-08-18 
_diffrn_detector.pdbx_frequency               ? 
# 
_diffrn_radiation.collimation                      ? 
_diffrn_radiation.diffrn_id                        1 
_diffrn_radiation.filter_edge                      ? 
_diffrn_radiation.inhomogeneity                    ? 
_diffrn_radiation.monochromator                    ? 
_diffrn_radiation.polarisn_norm                    ? 
_diffrn_radiation.polarisn_ratio                   ? 
_diffrn_radiation.probe                            ? 
_diffrn_radiation.type                             ? 
_diffrn_radiation.xray_symbol                      ? 
_diffrn_radiation.wavelength_id                    1 
_diffrn_radiation.pdbx_monochromatic_or_laue_m_l   M 
_diffrn_radiation.pdbx_wavelength_list             ? 
_diffrn_radiation.pdbx_wavelength                  ? 
_diffrn_radiation.pdbx_diffrn_protocol             'SINGLE WAVELENGTH' 
_diffrn_radiation.pdbx_analyzer                    ? 
_diffrn_radiation.pdbx_scattering_type             x-ray 
# 
_diffrn_radiation_wavelength.id           1 
_diffrn_radiation_wavelength.wavelength   1.5406 
_diffrn_radiation_wavelength.wt           1.0 
# 
_diffrn_source.current                     ? 
_diffrn_source.details                     ? 
_diffrn_source.diffrn_id                   1 
_diffrn_source.power                       ? 
_diffrn_source.size                        ? 
_diffrn_source.source                      'ROTATING ANODE' 
_diffrn_source.target                      ? 
_diffrn_source.type                        'ENRAF-NONIUS FR591' 
_diffrn_source.voltage                     ? 
_diffrn_source.take-off_angle              ? 
_diffrn_source.pdbx_wavelength_list        1.5406 
_diffrn_source.pdbx_wavelength             ? 
_diffrn_source.pdbx_synchrotron_beamline   ? 
_diffrn_source.pdbx_synchrotron_site       ? 
# 
_reflns.B_iso_Wilson_estimate            ? 
_reflns.entry_id                         6V5I 
_reflns.data_reduction_details           ? 
_reflns.data_reduction_method            ? 
_reflns.d_resolution_high                1.90 
_reflns.d_resolution_low                 31.32 
_reflns.details                          ? 
_reflns.limit_h_max                      ? 
_reflns.limit_h_min                      ? 
_reflns.limit_k_max                      ? 
_reflns.limit_k_min                      ? 
_reflns.limit_l_max                      ? 
_reflns.limit_l_min                      ? 
_reflns.number_all                       ? 
_reflns.number_obs                       4461 
_reflns.observed_criterion               ? 
_reflns.observed_criterion_F_max         ? 
_reflns.observed_criterion_F_min         ? 
_reflns.observed_criterion_I_max         ? 
_reflns.observed_criterion_I_min         ? 
_reflns.observed_criterion_sigma_F       ? 
_reflns.observed_criterion_sigma_I       ? 
_reflns.percent_possible_obs             99.2 
_reflns.R_free_details                   ? 
_reflns.Rmerge_F_all                     ? 
_reflns.Rmerge_F_obs                     ? 
_reflns.Friedel_coverage                 ? 
_reflns.number_gt                        ? 
_reflns.threshold_expression             ? 
_reflns.pdbx_redundancy                  3.7 
_reflns.pdbx_Rmerge_I_obs                0.138 
_reflns.pdbx_Rmerge_I_all                ? 
_reflns.pdbx_Rsym_value                  ? 
_reflns.pdbx_netI_over_av_sigmaI         ? 
_reflns.pdbx_netI_over_sigmaI            7.7 
_reflns.pdbx_res_netI_over_av_sigmaI_2   ? 
_reflns.pdbx_res_netI_over_sigmaI_2      ? 
_reflns.pdbx_chi_squared                 ? 
_reflns.pdbx_scaling_rejects             ? 
_reflns.pdbx_d_res_high_opt              ? 
_reflns.pdbx_d_res_low_opt               ? 
_reflns.pdbx_d_res_opt_method            ? 
_reflns.phase_calculation_details        ? 
_reflns.pdbx_Rrim_I_all                  ? 
_reflns.pdbx_Rpim_I_all                  ? 
_reflns.pdbx_d_opt                       ? 
_reflns.pdbx_number_measured_all         ? 
_reflns.pdbx_diffrn_id                   1 
_reflns.pdbx_ordinal                     1 
_reflns.pdbx_CC_half                     ? 
_reflns.pdbx_CC_star                     ? 
_reflns.pdbx_R_split                     ? 
# 
_reflns_shell.d_res_high                  1.90 
_reflns_shell.d_res_low                   2.0465 
_reflns_shell.meanI_over_sigI_all         ? 
_reflns_shell.meanI_over_sigI_obs         1.1 
_reflns_shell.number_measured_all         ? 
_reflns_shell.number_measured_obs         ? 
_reflns_shell.number_possible             ? 
_reflns_shell.number_unique_all           ? 
_reflns_shell.number_unique_obs           1119 
_reflns_shell.percent_possible_all        ? 
_reflns_shell.percent_possible_obs        ? 
_reflns_shell.Rmerge_F_all                ? 
_reflns_shell.Rmerge_F_obs                ? 
_reflns_shell.Rmerge_I_all                ? 
_reflns_shell.Rmerge_I_obs                0.347 
_reflns_shell.meanI_over_sigI_gt          ? 
_reflns_shell.meanI_over_uI_all           ? 
_reflns_shell.meanI_over_uI_gt            ? 
_reflns_shell.number_measured_gt          ? 
_reflns_shell.number_unique_gt            ? 
_reflns_shell.percent_possible_gt         ? 
_reflns_shell.Rmerge_F_gt                 ? 
_reflns_shell.Rmerge_I_gt                 ? 
_reflns_shell.pdbx_redundancy             ? 
_reflns_shell.pdbx_Rsym_value             ? 
_reflns_shell.pdbx_chi_squared            ? 
_reflns_shell.pdbx_netI_over_sigmaI_all   ? 
_reflns_shell.pdbx_netI_over_sigmaI_obs   ? 
_reflns_shell.pdbx_Rrim_I_all             ? 
_reflns_shell.pdbx_Rpim_I_all             ? 
_reflns_shell.pdbx_rejects                ? 
_reflns_shell.pdbx_ordinal                1 
_reflns_shell.pdbx_diffrn_id              1 
_reflns_shell.pdbx_CC_half                ? 
_reflns_shell.pdbx_CC_star                ? 
_reflns_shell.pdbx_R_split                ? 
# 
_refine.aniso_B[1][1]                            ? 
_refine.aniso_B[1][2]                            ? 
_refine.aniso_B[1][3]                            ? 
_refine.aniso_B[2][2]                            ? 
_refine.aniso_B[2][3]                            ? 
_refine.aniso_B[3][3]                            ? 
_refine.B_iso_max                                50.430 
_refine.B_iso_mean                               17.3574 
_refine.B_iso_min                                6.770 
_refine.correlation_coeff_Fo_to_Fc               ? 
_refine.correlation_coeff_Fo_to_Fc_free          ? 
_refine.details                                  ? 
_refine.diff_density_max                         ? 
_refine.diff_density_max_esd                     ? 
_refine.diff_density_min                         ? 
_refine.diff_density_min_esd                     ? 
_refine.diff_density_rms                         ? 
_refine.diff_density_rms_esd                     ? 
_refine.entry_id                                 6V5I 
_refine.pdbx_refine_id                           'X-RAY DIFFRACTION' 
_refine.ls_abs_structure_details                 ? 
_refine.ls_abs_structure_Flack                   ? 
_refine.ls_abs_structure_Flack_esd               ? 
_refine.ls_abs_structure_Rogers                  ? 
_refine.ls_abs_structure_Rogers_esd              ? 
_refine.ls_d_res_high                            1.9000 
_refine.ls_d_res_low                             31.31 
_refine.ls_extinction_coef                       ? 
_refine.ls_extinction_coef_esd                   ? 
_refine.ls_extinction_expression                 ? 
_refine.ls_extinction_method                     ? 
_refine.ls_goodness_of_fit_all                   ? 
_refine.ls_goodness_of_fit_all_esd               ? 
_refine.ls_goodness_of_fit_obs                   ? 
_refine.ls_goodness_of_fit_obs_esd               ? 
_refine.ls_hydrogen_treatment                    ? 
_refine.ls_matrix_type                           ? 
_refine.ls_number_constraints                    ? 
_refine.ls_number_parameters                     ? 
_refine.ls_number_reflns_all                     ? 
_refine.ls_number_reflns_obs                     4461 
_refine.ls_number_reflns_R_free                  753 
_refine.ls_number_reflns_R_work                  ? 
_refine.ls_number_restraints                     ? 
_refine.ls_percent_reflns_obs                    84.8700 
_refine.ls_percent_reflns_R_free                 9.9300 
_refine.ls_R_factor_all                          ? 
_refine.ls_R_factor_obs                          0.1593 
_refine.ls_R_factor_R_free                       0.1930 
_refine.ls_R_factor_R_free_error                 ? 
_refine.ls_R_factor_R_free_error_details         ? 
_refine.ls_R_factor_R_work                       0.1555 
_refine.ls_R_Fsqd_factor_obs                     ? 
_refine.ls_R_I_factor_obs                        ? 
_refine.ls_redundancy_reflns_all                 ? 
_refine.ls_redundancy_reflns_obs                 ? 
_refine.ls_restrained_S_all                      ? 
_refine.ls_restrained_S_obs                      ? 
_refine.ls_shift_over_esd_max                    ? 
_refine.ls_shift_over_esd_mean                   ? 
_refine.ls_structure_factor_coef                 ? 
_refine.ls_weighting_details                     ? 
_refine.ls_weighting_scheme                      ? 
_refine.ls_wR_factor_all                         ? 
_refine.ls_wR_factor_obs                         ? 
_refine.ls_wR_factor_R_free                      ? 
_refine.ls_wR_factor_R_work                      ? 
_refine.occupancy_max                            ? 
_refine.occupancy_min                            ? 
_refine.solvent_model_details                    ? 
_refine.solvent_model_param_bsol                 ? 
_refine.solvent_model_param_ksol                 ? 
_refine.pdbx_R_complete                          ? 
_refine.ls_R_factor_gt                           ? 
_refine.ls_goodness_of_fit_gt                    ? 
_refine.ls_goodness_of_fit_ref                   ? 
_refine.ls_shift_over_su_max                     ? 
_refine.ls_shift_over_su_max_lt                  ? 
_refine.ls_shift_over_su_mean                    ? 
_refine.ls_shift_over_su_mean_lt                 ? 
_refine.pdbx_ls_sigma_I                          ? 
_refine.pdbx_ls_sigma_F                          2.000 
_refine.pdbx_ls_sigma_Fsqd                       ? 
_refine.pdbx_data_cutoff_high_absF               ? 
_refine.pdbx_data_cutoff_high_rms_absF           ? 
_refine.pdbx_data_cutoff_low_absF                ? 
_refine.pdbx_isotropic_thermal_model             ? 
_refine.pdbx_ls_cross_valid_method               THROUGHOUT 
_refine.pdbx_method_to_determine_struct          'MOLECULAR REPLACEMENT' 
_refine.pdbx_starting_model                      'PDB entry 5UXT' 
_refine.pdbx_stereochemistry_target_values       ? 
_refine.pdbx_R_Free_selection_details            ? 
_refine.pdbx_stereochem_target_val_spec_case     ? 
_refine.pdbx_overall_ESU_R                       ? 
_refine.pdbx_overall_ESU_R_Free                  ? 
_refine.pdbx_solvent_vdw_probe_radii             1.1100 
_refine.pdbx_solvent_ion_probe_radii             ? 
_refine.pdbx_solvent_shrinkage_radii             0.9000 
_refine.pdbx_real_space_R                        ? 
_refine.pdbx_density_correlation                 ? 
_refine.pdbx_pd_number_of_powder_patterns        ? 
_refine.pdbx_pd_number_of_points                 ? 
_refine.pdbx_pd_meas_number_of_points            ? 
_refine.pdbx_pd_proc_ls_prof_R_factor            ? 
_refine.pdbx_pd_proc_ls_prof_wR_factor           ? 
_refine.pdbx_pd_Marquardt_correlation_coeff      ? 
_refine.pdbx_pd_Fsqrd_R_factor                   ? 
_refine.pdbx_pd_ls_matrix_band_width             ? 
_refine.pdbx_overall_phase_error                 21.0000 
_refine.pdbx_overall_SU_R_free_Cruickshank_DPI   ? 
_refine.pdbx_overall_SU_R_free_Blow_DPI          ? 
_refine.pdbx_overall_SU_R_Blow_DPI               ? 
_refine.pdbx_TLS_residual_ADP_flag               ? 
_refine.pdbx_diffrn_id                           1 
_refine.overall_SU_B                             ? 
_refine.overall_SU_ML                            0.1700 
_refine.overall_SU_R_Cruickshank_DPI             ? 
_refine.overall_SU_R_free                        ? 
_refine.overall_FOM_free_R_set                   ? 
_refine.overall_FOM_work_R_set                   ? 
_refine.pdbx_average_fsc_overall                 ? 
_refine.pdbx_average_fsc_work                    ? 
_refine.pdbx_average_fsc_free                    ? 
# 
_refine_hist.pdbx_refine_id                   'X-RAY DIFFRACTION' 
_refine_hist.cycle_id                         final 
_refine_hist.details                          ? 
_refine_hist.d_res_high                       1.9000 
_refine_hist.d_res_low                        31.31 
_refine_hist.number_atoms_solvent             92 
_refine_hist.number_atoms_total               636 
_refine_hist.number_reflns_all                ? 
_refine_hist.number_reflns_obs                ? 
_refine_hist.number_reflns_R_free             ? 
_refine_hist.number_reflns_R_work             ? 
_refine_hist.R_factor_all                     ? 
_refine_hist.R_factor_obs                     ? 
_refine_hist.R_factor_R_free                  ? 
_refine_hist.R_factor_R_work                  ? 
_refine_hist.pdbx_number_residues_total       68 
_refine_hist.pdbx_B_iso_mean_ligand           27.46 
_refine_hist.pdbx_B_iso_mean_solvent          24.30 
_refine_hist.pdbx_number_atoms_protein        528 
_refine_hist.pdbx_number_atoms_nucleic_acid   0 
_refine_hist.pdbx_number_atoms_ligand         16 
_refine_hist.pdbx_number_atoms_lipid          ? 
_refine_hist.pdbx_number_atoms_carb           ? 
_refine_hist.pdbx_pseudo_atom_details         ? 
# 
loop_
_refine_ls_shell.pdbx_refine_id 
_refine_ls_shell.d_res_high 
_refine_ls_shell.d_res_low 
_refine_ls_shell.number_reflns_all 
_refine_ls_shell.number_reflns_obs 
_refine_ls_shell.number_reflns_R_free 
_refine_ls_shell.number_reflns_R_work 
_refine_ls_shell.percent_reflns_obs 
_refine_ls_shell.percent_reflns_R_free 
_refine_ls_shell.R_factor_all 
_refine_ls_shell.R_factor_obs 
_refine_ls_shell.R_factor_R_free 
_refine_ls_shell.R_factor_R_free_error 
_refine_ls_shell.R_factor_R_work 
_refine_ls_shell.redundancy_reflns_all 
_refine_ls_shell.redundancy_reflns_obs 
_refine_ls_shell.wR_factor_all 
_refine_ls_shell.wR_factor_obs 
_refine_ls_shell.wR_factor_R_free 
_refine_ls_shell.wR_factor_R_work 
_refine_ls_shell.pdbx_R_complete 
_refine_ls_shell.pdbx_total_number_of_bins_used 
_refine_ls_shell.pdbx_phase_error 
_refine_ls_shell.pdbx_fsc_work 
_refine_ls_shell.pdbx_fsc_free 
'X-RAY DIFFRACTION' 1.9001 2.0465  . . 124 1119 70.0000 . . . 0.2433 0.0000 0.2040 . . . . . . . . . . . 
'X-RAY DIFFRACTION' 2.0465 2.2521  . . 136 1277 79.0000 . . . 0.1604 0.0000 0.1559 . . . . . . . . . . . 
'X-RAY DIFFRACTION' 2.2521 2.5769  . . 154 1402 88.0000 . . . 0.2173 0.0000 0.1625 . . . . . . . . . . . 
'X-RAY DIFFRACTION' 2.5769 3.2427  . . 166 1516 93.0000 . . . 0.2350 0.0000 0.1535 . . . . . . . . . . . 
'X-RAY DIFFRACTION' 3.2427 16.6810 . . 173 1514 94.0000 . . . 0.1617 0.0000 0.1432 . . . . . . . . . . . 
# 
_struct.entry_id                     6V5I 
_struct.title                        'Coiled-coil Trimer with Ala:Leu:Ala Triad' 
_struct.pdbx_model_details           ? 
_struct.pdbx_formula_weight          ? 
_struct.pdbx_formula_weight_method   ? 
_struct.pdbx_model_type_details      ? 
_struct.pdbx_CASP_flag               N 
# 
_struct_keywords.entry_id        6V5I 
_struct_keywords.text            'Trimer, Helix, DE NOVO PROTEIN' 
_struct_keywords.pdbx_keywords   'DE NOVO PROTEIN' 
# 
loop_
_struct_asym.id 
_struct_asym.pdbx_blank_PDB_chainid_flag 
_struct_asym.pdbx_modified 
_struct_asym.entity_id 
_struct_asym.details 
A N N 1 ? 
B N N 1 ? 
C N N 2 ? 
D N N 3 ? 
E N N 3 ? 
# 
_struct_ref.id                         1 
_struct_ref.db_name                    PDB 
_struct_ref.db_code                    6V5I 
_struct_ref.pdbx_db_accession          6V5I 
_struct_ref.pdbx_db_isoform            ? 
_struct_ref.entity_id                  1 
_struct_ref.pdbx_seq_one_letter_code   ? 
_struct_ref.pdbx_align_begin           1 
# 
loop_
_struct_ref_seq.align_id 
_struct_ref_seq.ref_id 
_struct_ref_seq.pdbx_PDB_id_code 
_struct_ref_seq.pdbx_strand_id 
_struct_ref_seq.seq_align_beg 
_struct_ref_seq.pdbx_seq_align_beg_ins_code 
_struct_ref_seq.seq_align_end 
_struct_ref_seq.pdbx_seq_align_end_ins_code 
_struct_ref_seq.pdbx_db_accession 
_struct_ref_seq.db_align_beg 
_struct_ref_seq.pdbx_db_align_beg_ins_code 
_struct_ref_seq.db_align_end 
_struct_ref_seq.pdbx_db_align_end_ins_code 
_struct_ref_seq.pdbx_auth_seq_align_beg 
_struct_ref_seq.pdbx_auth_seq_align_end 
1 1 6V5I A 1 ? 34 ? 6V5I 0 ? 33 ? 0 33 
2 1 6V5I B 1 ? 34 ? 6V5I 0 ? 33 ? 0 33 
# 
loop_
_pdbx_struct_assembly.id 
_pdbx_struct_assembly.details 
_pdbx_struct_assembly.method_details 
_pdbx_struct_assembly.oligomeric_details 
_pdbx_struct_assembly.oligomeric_count 
1 author_and_software_defined_assembly PISA trimeric 3 
2 author_and_software_defined_assembly PISA trimeric 3 
# 
loop_
_pdbx_struct_assembly_prop.biol_id 
_pdbx_struct_assembly_prop.type 
_pdbx_struct_assembly_prop.value 
_pdbx_struct_assembly_prop.details 
1 'ABSA (A^2)' 3660 ? 
1 MORE         -31  ? 
1 'SSA (A^2)'  6680 ? 
2 'ABSA (A^2)' 4720 ? 
2 MORE         -31  ? 
2 'SSA (A^2)'  7120 ? 
# 
loop_
_pdbx_struct_assembly_gen.assembly_id 
_pdbx_struct_assembly_gen.oper_expression 
_pdbx_struct_assembly_gen.asym_id_list 
1 1,2,4 A,D   
2 1,3,5 B,C,E 
# 
_pdbx_struct_assembly_auth_evidence.id                     1 
_pdbx_struct_assembly_auth_evidence.assembly_id            1 
_pdbx_struct_assembly_auth_evidence.experimental_support   'gel filtration' 
_pdbx_struct_assembly_auth_evidence.details                'Size Exclusion Chromatography' 
# 
loop_
_pdbx_struct_oper_list.id 
_pdbx_struct_oper_list.type 
_pdbx_struct_oper_list.name 
_pdbx_struct_oper_list.symmetry_operation 
_pdbx_struct_oper_list.matrix[1][1] 
_pdbx_struct_oper_list.matrix[1][2] 
_pdbx_struct_oper_list.matrix[1][3] 
_pdbx_struct_oper_list.vector[1] 
_pdbx_struct_oper_list.matrix[2][1] 
_pdbx_struct_oper_list.matrix[2][2] 
_pdbx_struct_oper_list.matrix[2][3] 
_pdbx_struct_oper_list.vector[2] 
_pdbx_struct_oper_list.matrix[3][1] 
_pdbx_struct_oper_list.matrix[3][2] 
_pdbx_struct_oper_list.matrix[3][3] 
_pdbx_struct_oper_list.vector[3] 
1 'identity operation'         1_555 x,y,z       1.0000000000  0.0000000000 0.0000000000  0.0000000000   0.0000000000 1.0000000000 0.0000000000  0.0000000000  0.0000000000  0.0000000000  1.0000000000  0.0000000000   
2 'crystal symmetry operation' 2_545 -y,x-y-1,z  -0.2912557444 0.3314429373 -0.8973938214 -13.0354389046 0.6819124888 0.7298412911 0.0482394806  2.3441639294  0.6709437004  -0.5978940283 -0.4385855468 -13.5423850996 
3 'crystal symmetry operation' 2_555 -y,x-y,z    -0.2912557444 0.3314429373 -0.8973938214 11.7798336322  0.6819124888 0.7298412911 0.0482394806  -1.5492596716 0.6709437004  -0.5978940283 -0.4385855468 14.7846885507  
4 'crystal symmetry operation' 3_655 -x+y+1,-x,z -0.2912557444 0.6819124888 0.6709437004  3.6910168500   0.3314429373 0.7298412911 -0.5978940283 -5.4872746496 -0.8973938214 0.0482394806  -0.4385855468 -17.7504979559 
5 'crystal symmetry operation' 3_555 -x+y,-x,z   -0.2912557444 0.6819124888 0.6709437004  -5.4322899140  0.3314429373 0.7298412911 -0.5978940283 6.0660480143  -0.8973938214 0.0482394806  -0.4385855468 17.1302361120 
# 
loop_
_struct_conf.conf_type_id 
_struct_conf.id 
_struct_conf.pdbx_PDB_helix_id 
_struct_conf.beg_label_comp_id 
_struct_conf.beg_label_asym_id 
_struct_conf.beg_label_seq_id 
_struct_conf.pdbx_beg_PDB_ins_code 
_struct_conf.end_label_comp_id 
_struct_conf.end_label_asym_id 
_struct_conf.end_label_seq_id 
_struct_conf.pdbx_end_PDB_ins_code 
_struct_conf.beg_auth_comp_id 
_struct_conf.beg_auth_asym_id 
_struct_conf.beg_auth_seq_id 
_struct_conf.end_auth_comp_id 
_struct_conf.end_auth_asym_id 
_struct_conf.end_auth_seq_id 
_struct_conf.pdbx_PDB_helix_class 
_struct_conf.details 
_struct_conf.pdbx_PDB_helix_length 
HELX_P HELX_P1 AA1 GLU A 2  ? GLY A 30 ? GLU A 1  GLY A 29 1 ? 29 
HELX_P HELX_P2 AA2 TRP A 31 ? ARG A 34 ? TRP A 30 ARG A 33 5 ? 4  
HELX_P HELX_P3 AA3 GLU B 2  ? GLY B 30 ? GLU B 1  GLY B 29 1 ? 29 
HELX_P HELX_P4 AA4 TRP B 31 ? ARG B 34 ? TRP B 30 ARG B 33 5 ? 4  
# 
_struct_conf_type.id          HELX_P 
_struct_conf_type.criteria    ? 
_struct_conf_type.reference   ? 
# 
loop_
_struct_conn.id 
_struct_conn.conn_type_id 
_struct_conn.pdbx_leaving_atom_flag 
_struct_conn.pdbx_PDB_id 
_struct_conn.ptnr1_label_asym_id 
_struct_conn.ptnr1_label_comp_id 
_struct_conn.ptnr1_label_seq_id 
_struct_conn.ptnr1_label_atom_id 
_struct_conn.pdbx_ptnr1_label_alt_id 
_struct_conn.pdbx_ptnr1_PDB_ins_code 
_struct_conn.pdbx_ptnr1_standard_comp_id 
_struct_conn.ptnr1_symmetry 
_struct_conn.ptnr2_label_asym_id 
_struct_conn.ptnr2_label_comp_id 
_struct_conn.ptnr2_label_seq_id 
_struct_conn.ptnr2_label_atom_id 
_struct_conn.pdbx_ptnr2_label_alt_id 
_struct_conn.pdbx_ptnr2_PDB_ins_code 
_struct_conn.ptnr1_auth_asym_id 
_struct_conn.ptnr1_auth_comp_id 
_struct_conn.ptnr1_auth_seq_id 
_struct_conn.ptnr2_auth_asym_id 
_struct_conn.ptnr2_auth_comp_id 
_struct_conn.ptnr2_auth_seq_id 
_struct_conn.ptnr2_symmetry 
_struct_conn.pdbx_ptnr3_label_atom_id 
_struct_conn.pdbx_ptnr3_label_seq_id 
_struct_conn.pdbx_ptnr3_label_comp_id 
_struct_conn.pdbx_ptnr3_label_asym_id 
_struct_conn.pdbx_ptnr3_label_alt_id 
_struct_conn.pdbx_ptnr3_PDB_ins_code 
_struct_conn.details 
_struct_conn.pdbx_dist_value 
_struct_conn.pdbx_value_order 
_struct_conn.pdbx_role 
covale1 covale both ? A ACE 1 C ? ? ? 1_555 A GLU 2 N ? ? A ACE 0 A GLU 1 1_555 ? ? ? ? ? ? ? 1.335 ? ? 
covale2 covale both ? B ACE 1 C ? ? ? 1_555 B GLU 2 N ? ? B ACE 0 B GLU 1 1_555 ? ? ? ? ? ? ? 1.336 ? ? 
# 
_struct_conn_type.id          covale 
_struct_conn_type.criteria    ? 
_struct_conn_type.reference   ? 
# 
loop_
_pdbx_modification_feature.ordinal 
_pdbx_modification_feature.label_comp_id 
_pdbx_modification_feature.label_asym_id 
_pdbx_modification_feature.label_seq_id 
_pdbx_modification_feature.label_alt_id 
_pdbx_modification_feature.modified_residue_label_comp_id 
_pdbx_modification_feature.modified_residue_label_asym_id 
_pdbx_modification_feature.modified_residue_label_seq_id 
_pdbx_modification_feature.modified_residue_label_alt_id 
_pdbx_modification_feature.auth_comp_id 
_pdbx_modification_feature.auth_asym_id 
_pdbx_modification_feature.auth_seq_id 
_pdbx_modification_feature.PDB_ins_code 
_pdbx_modification_feature.symmetry 
_pdbx_modification_feature.modified_residue_auth_comp_id 
_pdbx_modification_feature.modified_residue_auth_asym_id 
_pdbx_modification_feature.modified_residue_auth_seq_id 
_pdbx_modification_feature.modified_residue_PDB_ins_code 
_pdbx_modification_feature.modified_residue_symmetry 
_pdbx_modification_feature.comp_id_linking_atom 
_pdbx_modification_feature.modified_residue_id_linking_atom 
_pdbx_modification_feature.modified_residue_id 
_pdbx_modification_feature.ref_pcm_id 
_pdbx_modification_feature.ref_comp_id 
_pdbx_modification_feature.type 
_pdbx_modification_feature.category 
1 ACE A 1 ? GLU A 2 ? ACE A 0 ? 1_555 GLU A 1 ? 1_555 . . GLU 10 ACE None 'Terminal acetylation' 
2 ACE B 1 ? GLU B 2 ? ACE B 0 ? 1_555 GLU B 1 ? 1_555 . . GLU 10 ACE None 'Terminal acetylation' 
# 
_struct_site.id                   AC1 
_struct_site.pdbx_evidence_code   Software 
_struct_site.pdbx_auth_asym_id    B 
_struct_site.pdbx_auth_comp_id    1PE 
_struct_site.pdbx_auth_seq_id     101 
_struct_site.pdbx_auth_ins_code   ? 
_struct_site.pdbx_num_residues    10 
_struct_site.details              'binding site for residue 1PE B 101' 
# 
loop_
_struct_site_gen.id 
_struct_site_gen.site_id 
_struct_site_gen.pdbx_num_res 
_struct_site_gen.label_comp_id 
_struct_site_gen.label_asym_id 
_struct_site_gen.label_seq_id 
_struct_site_gen.pdbx_auth_ins_code 
_struct_site_gen.auth_comp_id 
_struct_site_gen.auth_asym_id 
_struct_site_gen.auth_seq_id 
_struct_site_gen.label_atom_id 
_struct_site_gen.label_alt_id 
_struct_site_gen.symmetry 
_struct_site_gen.details 
1  AC1 10 LYS A 9  ? LYS A 8   . ? 3_655 ? 
2  AC1 10 GLU A 14 ? GLU A 13  . ? 1_555 ? 
3  AC1 10 LEU A 15 ? LEU A 14  . ? 1_555 ? 
4  AC1 10 GLN A 18 ? GLN A 17  . ? 1_555 ? 
5  AC1 10 HOH D .  ? HOH A 111 . ? 1_555 ? 
6  AC1 10 LYS B 9  ? LYS B 8   . ? 2_555 ? 
7  AC1 10 GLU B 14 ? GLU B 13  . ? 1_555 ? 
8  AC1 10 GLY B 33 ? GLY B 32  . ? 6_555 ? 
9  AC1 10 HOH E .  ? HOH B 206 . ? 1_555 ? 
10 AC1 10 HOH E .  ? HOH B 229 . ? 1_555 ? 
# 
_pdbx_entry_details.entry_id                   6V5I 
_pdbx_entry_details.has_ligand_of_interest     N 
_pdbx_entry_details.compound_details           ? 
_pdbx_entry_details.source_details             ? 
_pdbx_entry_details.nonpolymer_details         ? 
_pdbx_entry_details.sequence_details           ? 
_pdbx_entry_details.has_protein_modification   Y 
# 
_pdbx_struct_special_symmetry.id              1 
_pdbx_struct_special_symmetry.PDB_model_num   1 
_pdbx_struct_special_symmetry.auth_asym_id    B 
_pdbx_struct_special_symmetry.auth_comp_id    HOH 
_pdbx_struct_special_symmetry.auth_seq_id     251 
_pdbx_struct_special_symmetry.PDB_ins_code    ? 
_pdbx_struct_special_symmetry.label_asym_id   E 
_pdbx_struct_special_symmetry.label_comp_id   HOH 
_pdbx_struct_special_symmetry.label_seq_id    . 
# 
loop_
_chem_comp_atom.comp_id 
_chem_comp_atom.atom_id 
_chem_comp_atom.type_symbol 
_chem_comp_atom.pdbx_aromatic_flag 
_chem_comp_atom.pdbx_stereo_config 
_chem_comp_atom.pdbx_ordinal 
1PE OH2  O N N 1   
1PE C12  C N N 2   
1PE C22  C N N 3   
1PE OH3  O N N 4   
1PE C13  C N N 5   
1PE C23  C N N 6   
1PE OH4  O N N 7   
1PE C14  C N N 8   
1PE C24  C N N 9   
1PE OH5  O N N 10  
1PE C15  C N N 11  
1PE C25  C N N 12  
1PE OH6  O N N 13  
1PE C16  C N N 14  
1PE C26  C N N 15  
1PE OH7  O N N 16  
1PE HO2  H N N 17  
1PE H121 H N N 18  
1PE H122 H N N 19  
1PE H221 H N N 20  
1PE H222 H N N 21  
1PE H131 H N N 22  
1PE H132 H N N 23  
1PE H231 H N N 24  
1PE H232 H N N 25  
1PE H141 H N N 26  
1PE H142 H N N 27  
1PE H241 H N N 28  
1PE H242 H N N 29  
1PE H151 H N N 30  
1PE H152 H N N 31  
1PE H251 H N N 32  
1PE H252 H N N 33  
1PE H161 H N N 34  
1PE H162 H N N 35  
1PE H261 H N N 36  
1PE H262 H N N 37  
1PE HO7  H N N 38  
ACE C    C N N 39  
ACE O    O N N 40  
ACE CH3  C N N 41  
ACE H    H N N 42  
ACE H1   H N N 43  
ACE H2   H N N 44  
ACE H3   H N N 45  
ALA N    N N N 46  
ALA CA   C N S 47  
ALA C    C N N 48  
ALA O    O N N 49  
ALA CB   C N N 50  
ALA OXT  O N N 51  
ALA H    H N N 52  
ALA H2   H N N 53  
ALA HA   H N N 54  
ALA HB1  H N N 55  
ALA HB2  H N N 56  
ALA HB3  H N N 57  
ALA HXT  H N N 58  
ARG N    N N N 59  
ARG CA   C N S 60  
ARG C    C N N 61  
ARG O    O N N 62  
ARG CB   C N N 63  
ARG CG   C N N 64  
ARG CD   C N N 65  
ARG NE   N N N 66  
ARG CZ   C N N 67  
ARG NH1  N N N 68  
ARG NH2  N N N 69  
ARG OXT  O N N 70  
ARG H    H N N 71  
ARG H2   H N N 72  
ARG HA   H N N 73  
ARG HB2  H N N 74  
ARG HB3  H N N 75  
ARG HG2  H N N 76  
ARG HG3  H N N 77  
ARG HD2  H N N 78  
ARG HD3  H N N 79  
ARG HE   H N N 80  
ARG HH11 H N N 81  
ARG HH12 H N N 82  
ARG HH21 H N N 83  
ARG HH22 H N N 84  
ARG HXT  H N N 85  
ASP N    N N N 86  
ASP CA   C N S 87  
ASP C    C N N 88  
ASP O    O N N 89  
ASP CB   C N N 90  
ASP CG   C N N 91  
ASP OD1  O N N 92  
ASP OD2  O N N 93  
ASP OXT  O N N 94  
ASP H    H N N 95  
ASP H2   H N N 96  
ASP HA   H N N 97  
ASP HB2  H N N 98  
ASP HB3  H N N 99  
ASP HD2  H N N 100 
ASP HXT  H N N 101 
GLN N    N N N 102 
GLN CA   C N S 103 
GLN C    C N N 104 
GLN O    O N N 105 
GLN CB   C N N 106 
GLN CG   C N N 107 
GLN CD   C N N 108 
GLN OE1  O N N 109 
GLN NE2  N N N 110 
GLN OXT  O N N 111 
GLN H    H N N 112 
GLN H2   H N N 113 
GLN HA   H N N 114 
GLN HB2  H N N 115 
GLN HB3  H N N 116 
GLN HG2  H N N 117 
GLN HG3  H N N 118 
GLN HE21 H N N 119 
GLN HE22 H N N 120 
GLN HXT  H N N 121 
GLU N    N N N 122 
GLU CA   C N S 123 
GLU C    C N N 124 
GLU O    O N N 125 
GLU CB   C N N 126 
GLU CG   C N N 127 
GLU CD   C N N 128 
GLU OE1  O N N 129 
GLU OE2  O N N 130 
GLU OXT  O N N 131 
GLU H    H N N 132 
GLU H2   H N N 133 
GLU HA   H N N 134 
GLU HB2  H N N 135 
GLU HB3  H N N 136 
GLU HG2  H N N 137 
GLU HG3  H N N 138 
GLU HE2  H N N 139 
GLU HXT  H N N 140 
GLY N    N N N 141 
GLY CA   C N N 142 
GLY C    C N N 143 
GLY O    O N N 144 
GLY OXT  O N N 145 
GLY H    H N N 146 
GLY H2   H N N 147 
GLY HA2  H N N 148 
GLY HA3  H N N 149 
GLY HXT  H N N 150 
HIS N    N N N 151 
HIS CA   C N S 152 
HIS C    C N N 153 
HIS O    O N N 154 
HIS CB   C N N 155 
HIS CG   C Y N 156 
HIS ND1  N Y N 157 
HIS CD2  C Y N 158 
HIS CE1  C Y N 159 
HIS NE2  N Y N 160 
HIS OXT  O N N 161 
HIS H    H N N 162 
HIS H2   H N N 163 
HIS HA   H N N 164 
HIS HB2  H N N 165 
HIS HB3  H N N 166 
HIS HD1  H N N 167 
HIS HD2  H N N 168 
HIS HE1  H N N 169 
HIS HE2  H N N 170 
HIS HXT  H N N 171 
HOH O    O N N 172 
HOH H1   H N N 173 
HOH H2   H N N 174 
LEU N    N N N 175 
LEU CA   C N S 176 
LEU C    C N N 177 
LEU O    O N N 178 
LEU CB   C N N 179 
LEU CG   C N N 180 
LEU CD1  C N N 181 
LEU CD2  C N N 182 
LEU OXT  O N N 183 
LEU H    H N N 184 
LEU H2   H N N 185 
LEU HA   H N N 186 
LEU HB2  H N N 187 
LEU HB3  H N N 188 
LEU HG   H N N 189 
LEU HD11 H N N 190 
LEU HD12 H N N 191 
LEU HD13 H N N 192 
LEU HD21 H N N 193 
LEU HD22 H N N 194 
LEU HD23 H N N 195 
LEU HXT  H N N 196 
LYS N    N N N 197 
LYS CA   C N S 198 
LYS C    C N N 199 
LYS O    O N N 200 
LYS CB   C N N 201 
LYS CG   C N N 202 
LYS CD   C N N 203 
LYS CE   C N N 204 
LYS NZ   N N N 205 
LYS OXT  O N N 206 
LYS H    H N N 207 
LYS H2   H N N 208 
LYS HA   H N N 209 
LYS HB2  H N N 210 
LYS HB3  H N N 211 
LYS HG2  H N N 212 
LYS HG3  H N N 213 
LYS HD2  H N N 214 
LYS HD3  H N N 215 
LYS HE2  H N N 216 
LYS HE3  H N N 217 
LYS HZ1  H N N 218 
LYS HZ2  H N N 219 
LYS HZ3  H N N 220 
LYS HXT  H N N 221 
TRP N    N N N 222 
TRP CA   C N S 223 
TRP C    C N N 224 
TRP O    O N N 225 
TRP CB   C N N 226 
TRP CG   C Y N 227 
TRP CD1  C Y N 228 
TRP CD2  C Y N 229 
TRP NE1  N Y N 230 
TRP CE2  C Y N 231 
TRP CE3  C Y N 232 
TRP CZ2  C Y N 233 
TRP CZ3  C Y N 234 
TRP CH2  C Y N 235 
TRP OXT  O N N 236 
TRP H    H N N 237 
TRP H2   H N N 238 
TRP HA   H N N 239 
TRP HB2  H N N 240 
TRP HB3  H N N 241 
TRP HD1  H N N 242 
TRP HE1  H N N 243 
TRP HE3  H N N 244 
TRP HZ2  H N N 245 
TRP HZ3  H N N 246 
TRP HH2  H N N 247 
TRP HXT  H N N 248 
VAL N    N N N 249 
VAL CA   C N S 250 
VAL C    C N N 251 
VAL O    O N N 252 
VAL CB   C N N 253 
VAL CG1  C N N 254 
VAL CG2  C N N 255 
VAL OXT  O N N 256 
VAL H    H N N 257 
VAL H2   H N N 258 
VAL HA   H N N 259 
VAL HB   H N N 260 
VAL HG11 H N N 261 
VAL HG12 H N N 262 
VAL HG13 H N N 263 
VAL HG21 H N N 264 
VAL HG22 H N N 265 
VAL HG23 H N N 266 
VAL HXT  H N N 267 
# 
loop_
_chem_comp_bond.comp_id 
_chem_comp_bond.atom_id_1 
_chem_comp_bond.atom_id_2 
_chem_comp_bond.value_order 
_chem_comp_bond.pdbx_aromatic_flag 
_chem_comp_bond.pdbx_stereo_config 
_chem_comp_bond.pdbx_ordinal 
1PE OH2 C12  sing N N 1   
1PE OH2 HO2  sing N N 2   
1PE C12 C22  sing N N 3   
1PE C12 H121 sing N N 4   
1PE C12 H122 sing N N 5   
1PE C22 OH3  sing N N 6   
1PE C22 H221 sing N N 7   
1PE C22 H222 sing N N 8   
1PE OH3 C23  sing N N 9   
1PE C13 C23  sing N N 10  
1PE C13 OH4  sing N N 11  
1PE C13 H131 sing N N 12  
1PE C13 H132 sing N N 13  
1PE C23 H231 sing N N 14  
1PE C23 H232 sing N N 15  
1PE OH4 C24  sing N N 16  
1PE C14 C24  sing N N 17  
1PE C14 OH5  sing N N 18  
1PE C14 H141 sing N N 19  
1PE C14 H142 sing N N 20  
1PE C24 H241 sing N N 21  
1PE C24 H242 sing N N 22  
1PE OH5 C25  sing N N 23  
1PE C15 C25  sing N N 24  
1PE C15 OH6  sing N N 25  
1PE C15 H151 sing N N 26  
1PE C15 H152 sing N N 27  
1PE C25 H251 sing N N 28  
1PE C25 H252 sing N N 29  
1PE OH6 C26  sing N N 30  
1PE C16 C26  sing N N 31  
1PE C16 OH7  sing N N 32  
1PE C16 H161 sing N N 33  
1PE C16 H162 sing N N 34  
1PE C26 H261 sing N N 35  
1PE C26 H262 sing N N 36  
1PE OH7 HO7  sing N N 37  
ACE C   O    doub N N 38  
ACE C   CH3  sing N N 39  
ACE C   H    sing N N 40  
ACE CH3 H1   sing N N 41  
ACE CH3 H2   sing N N 42  
ACE CH3 H3   sing N N 43  
ALA N   CA   sing N N 44  
ALA N   H    sing N N 45  
ALA N   H2   sing N N 46  
ALA CA  C    sing N N 47  
ALA CA  CB   sing N N 48  
ALA CA  HA   sing N N 49  
ALA C   O    doub N N 50  
ALA C   OXT  sing N N 51  
ALA CB  HB1  sing N N 52  
ALA CB  HB2  sing N N 53  
ALA CB  HB3  sing N N 54  
ALA OXT HXT  sing N N 55  
ARG N   CA   sing N N 56  
ARG N   H    sing N N 57  
ARG N   H2   sing N N 58  
ARG CA  C    sing N N 59  
ARG CA  CB   sing N N 60  
ARG CA  HA   sing N N 61  
ARG C   O    doub N N 62  
ARG C   OXT  sing N N 63  
ARG CB  CG   sing N N 64  
ARG CB  HB2  sing N N 65  
ARG CB  HB3  sing N N 66  
ARG CG  CD   sing N N 67  
ARG CG  HG2  sing N N 68  
ARG CG  HG3  sing N N 69  
ARG CD  NE   sing N N 70  
ARG CD  HD2  sing N N 71  
ARG CD  HD3  sing N N 72  
ARG NE  CZ   sing N N 73  
ARG NE  HE   sing N N 74  
ARG CZ  NH1  sing N N 75  
ARG CZ  NH2  doub N N 76  
ARG NH1 HH11 sing N N 77  
ARG NH1 HH12 sing N N 78  
ARG NH2 HH21 sing N N 79  
ARG NH2 HH22 sing N N 80  
ARG OXT HXT  sing N N 81  
ASP N   CA   sing N N 82  
ASP N   H    sing N N 83  
ASP N   H2   sing N N 84  
ASP CA  C    sing N N 85  
ASP CA  CB   sing N N 86  
ASP CA  HA   sing N N 87  
ASP C   O    doub N N 88  
ASP C   OXT  sing N N 89  
ASP CB  CG   sing N N 90  
ASP CB  HB2  sing N N 91  
ASP CB  HB3  sing N N 92  
ASP CG  OD1  doub N N 93  
ASP CG  OD2  sing N N 94  
ASP OD2 HD2  sing N N 95  
ASP OXT HXT  sing N N 96  
GLN N   CA   sing N N 97  
GLN N   H    sing N N 98  
GLN N   H2   sing N N 99  
GLN CA  C    sing N N 100 
GLN CA  CB   sing N N 101 
GLN CA  HA   sing N N 102 
GLN C   O    doub N N 103 
GLN C   OXT  sing N N 104 
GLN CB  CG   sing N N 105 
GLN CB  HB2  sing N N 106 
GLN CB  HB3  sing N N 107 
GLN CG  CD   sing N N 108 
GLN CG  HG2  sing N N 109 
GLN CG  HG3  sing N N 110 
GLN CD  OE1  doub N N 111 
GLN CD  NE2  sing N N 112 
GLN NE2 HE21 sing N N 113 
GLN NE2 HE22 sing N N 114 
GLN OXT HXT  sing N N 115 
GLU N   CA   sing N N 116 
GLU N   H    sing N N 117 
GLU N   H2   sing N N 118 
GLU CA  C    sing N N 119 
GLU CA  CB   sing N N 120 
GLU CA  HA   sing N N 121 
GLU C   O    doub N N 122 
GLU C   OXT  sing N N 123 
GLU CB  CG   sing N N 124 
GLU CB  HB2  sing N N 125 
GLU CB  HB3  sing N N 126 
GLU CG  CD   sing N N 127 
GLU CG  HG2  sing N N 128 
GLU CG  HG3  sing N N 129 
GLU CD  OE1  doub N N 130 
GLU CD  OE2  sing N N 131 
GLU OE2 HE2  sing N N 132 
GLU OXT HXT  sing N N 133 
GLY N   CA   sing N N 134 
GLY N   H    sing N N 135 
GLY N   H2   sing N N 136 
GLY CA  C    sing N N 137 
GLY CA  HA2  sing N N 138 
GLY CA  HA3  sing N N 139 
GLY C   O    doub N N 140 
GLY C   OXT  sing N N 141 
GLY OXT HXT  sing N N 142 
HIS N   CA   sing N N 143 
HIS N   H    sing N N 144 
HIS N   H2   sing N N 145 
HIS CA  C    sing N N 146 
HIS CA  CB   sing N N 147 
HIS CA  HA   sing N N 148 
HIS C   O    doub N N 149 
HIS C   OXT  sing N N 150 
HIS CB  CG   sing N N 151 
HIS CB  HB2  sing N N 152 
HIS CB  HB3  sing N N 153 
HIS CG  ND1  sing Y N 154 
HIS CG  CD2  doub Y N 155 
HIS ND1 CE1  doub Y N 156 
HIS ND1 HD1  sing N N 157 
HIS CD2 NE2  sing Y N 158 
HIS CD2 HD2  sing N N 159 
HIS CE1 NE2  sing Y N 160 
HIS CE1 HE1  sing N N 161 
HIS NE2 HE2  sing N N 162 
HIS OXT HXT  sing N N 163 
HOH O   H1   sing N N 164 
HOH O   H2   sing N N 165 
LEU N   CA   sing N N 166 
LEU N   H    sing N N 167 
LEU N   H2   sing N N 168 
LEU CA  C    sing N N 169 
LEU CA  CB   sing N N 170 
LEU CA  HA   sing N N 171 
LEU C   O    doub N N 172 
LEU C   OXT  sing N N 173 
LEU CB  CG   sing N N 174 
LEU CB  HB2  sing N N 175 
LEU CB  HB3  sing N N 176 
LEU CG  CD1  sing N N 177 
LEU CG  CD2  sing N N 178 
LEU CG  HG   sing N N 179 
LEU CD1 HD11 sing N N 180 
LEU CD1 HD12 sing N N 181 
LEU CD1 HD13 sing N N 182 
LEU CD2 HD21 sing N N 183 
LEU CD2 HD22 sing N N 184 
LEU CD2 HD23 sing N N 185 
LEU OXT HXT  sing N N 186 
LYS N   CA   sing N N 187 
LYS N   H    sing N N 188 
LYS N   H2   sing N N 189 
LYS CA  C    sing N N 190 
LYS CA  CB   sing N N 191 
LYS CA  HA   sing N N 192 
LYS C   O    doub N N 193 
LYS C   OXT  sing N N 194 
LYS CB  CG   sing N N 195 
LYS CB  HB2  sing N N 196 
LYS CB  HB3  sing N N 197 
LYS CG  CD   sing N N 198 
LYS CG  HG2  sing N N 199 
LYS CG  HG3  sing N N 200 
LYS CD  CE   sing N N 201 
LYS CD  HD2  sing N N 202 
LYS CD  HD3  sing N N 203 
LYS CE  NZ   sing N N 204 
LYS CE  HE2  sing N N 205 
LYS CE  HE3  sing N N 206 
LYS NZ  HZ1  sing N N 207 
LYS NZ  HZ2  sing N N 208 
LYS NZ  HZ3  sing N N 209 
LYS OXT HXT  sing N N 210 
TRP N   CA   sing N N 211 
TRP N   H    sing N N 212 
TRP N   H2   sing N N 213 
TRP CA  C    sing N N 214 
TRP CA  CB   sing N N 215 
TRP CA  HA   sing N N 216 
TRP C   O    doub N N 217 
TRP C   OXT  sing N N 218 
TRP CB  CG   sing N N 219 
TRP CB  HB2  sing N N 220 
TRP CB  HB3  sing N N 221 
TRP CG  CD1  doub Y N 222 
TRP CG  CD2  sing Y N 223 
TRP CD1 NE1  sing Y N 224 
TRP CD1 HD1  sing N N 225 
TRP CD2 CE2  doub Y N 226 
TRP CD2 CE3  sing Y N 227 
TRP NE1 CE2  sing Y N 228 
TRP NE1 HE1  sing N N 229 
TRP CE2 CZ2  sing Y N 230 
TRP CE3 CZ3  doub Y N 231 
TRP CE3 HE3  sing N N 232 
TRP CZ2 CH2  doub Y N 233 
TRP CZ2 HZ2  sing N N 234 
TRP CZ3 CH2  sing Y N 235 
TRP CZ3 HZ3  sing N N 236 
TRP CH2 HH2  sing N N 237 
TRP OXT HXT  sing N N 238 
VAL N   CA   sing N N 239 
VAL N   H    sing N N 240 
VAL N   H2   sing N N 241 
VAL CA  C    sing N N 242 
VAL CA  CB   sing N N 243 
VAL CA  HA   sing N N 244 
VAL C   O    doub N N 245 
VAL C   OXT  sing N N 246 
VAL CB  CG1  sing N N 247 
VAL CB  CG2  sing N N 248 
VAL CB  HB   sing N N 249 
VAL CG1 HG11 sing N N 250 
VAL CG1 HG12 sing N N 251 
VAL CG1 HG13 sing N N 252 
VAL CG2 HG21 sing N N 253 
VAL CG2 HG22 sing N N 254 
VAL CG2 HG23 sing N N 255 
VAL OXT HXT  sing N N 256 
# 
_pdbx_audit_support.funding_organization   'National Institutes of Health/Office of the Director' 
_pdbx_audit_support.country                'United States' 
_pdbx_audit_support.grant_number           'R15 GM116055-01' 
_pdbx_audit_support.ordinal                1 
# 
_pdbx_initial_refinement_model.id               1 
_pdbx_initial_refinement_model.entity_id_list   ? 
_pdbx_initial_refinement_model.type             'experimental model' 
_pdbx_initial_refinement_model.source_name      PDB 
_pdbx_initial_refinement_model.accession_code   5UXT 
_pdbx_initial_refinement_model.details          'PDB entry 5UXT' 
# 
_atom_sites.entry_id                    6V5I 
_atom_sites.Cartn_transf_matrix[1][1]   ? 
_atom_sites.Cartn_transf_matrix[1][2]   ? 
_atom_sites.Cartn_transf_matrix[1][3]   ? 
_atom_sites.Cartn_transf_matrix[2][1]   ? 
_atom_sites.Cartn_transf_matrix[2][2]   ? 
_atom_sites.Cartn_transf_matrix[2][3]   ? 
_atom_sites.Cartn_transf_matrix[3][1]   ? 
_atom_sites.Cartn_transf_matrix[3][2]   ? 
_atom_sites.Cartn_transf_matrix[3][3]   ? 
_atom_sites.Cartn_transf_vector[1]      ? 
_atom_sites.Cartn_transf_vector[2]      ? 
_atom_sites.Cartn_transf_vector[3]      ? 
_atom_sites.fract_transf_matrix[1][1]   0.02002846 
_atom_sites.fract_transf_matrix[1][2]   -0.01255785 
_atom_sites.fract_transf_matrix[1][3]   -0.01927097 
_atom_sites.fract_transf_matrix[2][1]   0.02732629 
_atom_sites.fract_transf_matrix[2][2]   -0.00899507 
_atom_sites.fract_transf_matrix[2][3]   0.01012677 
_atom_sites.fract_transf_matrix[3][1]   -0.00352453 
_atom_sites.fract_transf_matrix[3][2]   -0.00855498 
_atom_sites.fract_transf_matrix[3][3]   0.00191174 
_atom_sites.fract_transf_vector[1]      0.181540 
_atom_sites.fract_transf_vector[2]      -0.152007 
_atom_sites.fract_transf_vector[3]      -0.165908 
_atom_sites.solution_primary            ? 
_atom_sites.solution_secondary          ? 
_atom_sites.solution_hydrogens          ? 
_atom_sites.special_details             ? 
# 
loop_
_atom_type.symbol 
C 
N 
O 
# 
loop_
_atom_site.group_PDB 
_atom_site.id 
_atom_site.type_symbol 
_atom_site.label_atom_id 
_atom_site.label_alt_id 
_atom_site.label_comp_id 
_atom_site.label_asym_id 
_atom_site.label_entity_id 
_atom_site.label_seq_id 
_atom_site.pdbx_PDB_ins_code 
_atom_site.Cartn_x 
_atom_site.Cartn_y 
_atom_site.Cartn_z 
_atom_site.occupancy 
_atom_site.B_iso_or_equiv 
_atom_site.pdbx_formal_charge 
_atom_site.auth_seq_id 
_atom_site.auth_comp_id 
_atom_site.auth_asym_id 
_atom_site.auth_atom_id 
_atom_site.pdbx_PDB_model_num 
HETATM 1   C C   . ACE A 1 1  ? -2.699  14.325  -7.451  1.00 22.10 ? 0   ACE A C   1 
HETATM 2   O O   . ACE A 1 1  ? -3.007  13.357  -6.752  1.00 19.19 ? 0   ACE A O   1 
HETATM 3   C CH3 . ACE A 1 1  ? -2.277  15.629  -6.847  1.00 24.96 ? 0   ACE A CH3 1 
ATOM   4   N N   . GLU A 1 2  ? -2.712  14.290  -8.786  1.00 22.03 ? 1   GLU A N   1 
ATOM   5   C CA  . GLU A 1 2  ? -3.097  13.096  -9.533  1.00 24.44 ? 1   GLU A CA  1 
ATOM   6   C C   . GLU A 1 2  ? -2.226  11.889  -9.206  1.00 21.35 ? 1   GLU A C   1 
ATOM   7   O O   . GLU A 1 2  ? -2.731  10.779  -9.001  1.00 17.70 ? 1   GLU A O   1 
ATOM   8   C CB  . GLU A 1 2  ? -3.023  13.360  -11.032 1.00 24.98 ? 1   GLU A CB  1 
ATOM   9   C CG  . GLU A 1 2  ? -4.045  14.333  -11.562 1.00 28.25 ? 1   GLU A CG  1 
ATOM   10  C CD  . GLU A 1 2  ? -3.996  14.408  -13.066 1.00 28.73 ? 1   GLU A CD  1 
ATOM   11  O OE1 . GLU A 1 2  ? -5.035  14.163  -13.709 1.00 28.88 ? 1   GLU A OE1 1 
ATOM   12  O OE2 . GLU A 1 2  ? -2.902  14.686  -13.608 1.00 37.13 ? 1   GLU A OE2 1 
ATOM   13  N N   . VAL A 1 3  ? -0.910  12.102  -9.183  1.00 20.15 ? 2   VAL A N   1 
ATOM   14  C CA  . VAL A 1 3  ? -0.003  10.981  -8.970  1.00 19.66 ? 2   VAL A CA  1 
ATOM   15  C C   . VAL A 1 3  ? -0.217  10.391  -7.586  1.00 19.02 ? 2   VAL A C   1 
ATOM   16  O O   . VAL A 1 3  ? -0.322  9.170   -7.428  1.00 17.03 ? 2   VAL A O   1 
ATOM   17  C CB  . VAL A 1 3  ? 1.456   11.420  -9.189  1.00 25.71 ? 2   VAL A CB  1 
ATOM   18  C CG1 . VAL A 1 3  ? 2.416   10.332  -8.714  1.00 24.23 ? 2   VAL A CG1 1 
ATOM   19  C CG2 . VAL A 1 3  ? 1.694   11.742  -10.658 1.00 22.64 ? 2   VAL A CG2 1 
ATOM   20  N N   . GLU A 1 4  ? -0.331  11.254  -6.568  1.00 20.35 ? 3   GLU A N   1 
ATOM   21  C CA  . GLU A 1 4  ? -0.519  10.781  -5.199  1.00 18.74 ? 3   GLU A CA  1 
ATOM   22  C C   . GLU A 1 4  ? -1.822  10.003  -5.052  1.00 18.98 ? 3   GLU A C   1 
ATOM   23  O O   . GLU A 1 4  ? -1.885  9.002   -4.324  1.00 16.14 ? 3   GLU A O   1 
ATOM   24  C CB  . GLU A 1 4  ? -0.488  11.967  -4.234  1.00 18.77 ? 3   GLU A CB  1 
ATOM   25  C CG  . GLU A 1 4  ? -0.204  11.573  -2.792  1.00 27.99 ? 3   GLU A CG  1 
ATOM   26  C CD  . GLU A 1 4  ? 0.105   12.760  -1.883  1.00 28.38 ? 3   GLU A CD  1 
ATOM   27  O OE1 . GLU A 1 4  ? 1.099   13.480  -2.141  1.00 24.30 ? 3   GLU A OE1 1 
ATOM   28  O OE2 . GLU A 1 4  ? -0.647  12.958  -0.901  1.00 28.77 ? 3   GLU A OE2 1 
ATOM   29  N N   . ALA A 1 5  ? -2.878  10.461  -5.717  1.00 15.86 ? 4   ALA A N   1 
ATOM   30  C CA  . ALA A 1 5  ? -4.134  9.726   -5.681  1.00 15.07 ? 4   ALA A CA  1 
ATOM   31  C C   . ALA A 1 5  ? -4.008  8.380   -6.387  1.00 17.05 ? 4   ALA A C   1 
ATOM   32  O O   . ALA A 1 5  ? -4.552  7.373   -5.916  1.00 15.39 ? 4   ALA A O   1 
ATOM   33  C CB  . ALA A 1 5  ? -5.241  10.571  -6.308  1.00 16.23 ? 4   ALA A CB  1 
ATOM   34  N N   . LEU A 1 6  ? -3.290  8.335   -7.514  1.00 14.99 ? 5   LEU A N   1 
ATOM   35  C CA  . LEU A 1 6  ? -3.079  7.064   -8.203  1.00 16.55 ? 5   LEU A CA  1 
ATOM   36  C C   . LEU A 1 6  ? -2.204  6.125   -7.384  1.00 15.65 ? 5   LEU A C   1 
ATOM   37  O O   . LEU A 1 6  ? -2.402  4.904   -7.400  1.00 11.05 ? 5   LEU A O   1 
ATOM   38  C CB  . LEU A 1 6  ? -2.461  7.298   -9.581  1.00 15.85 ? 5   LEU A CB  1 
ATOM   39  C CG  . LEU A 1 6  ? -3.490  7.708   -10.634 1.00 21.83 ? 5   LEU A CG  1 
ATOM   40  C CD1 . LEU A 1 6  ? -2.777  8.228   -11.875 1.00 20.79 ? 5   LEU A CD1 1 
ATOM   41  C CD2 . LEU A 1 6  ? -4.408  6.515   -10.958 1.00 23.05 ? 5   LEU A CD2 1 
ATOM   42  N N   . GLU A 1 7  ? -1.225  6.674   -6.668  1.00 13.04 ? 6   GLU A N   1 
ATOM   43  C CA  . GLU A 1 7  ? -0.458  5.845   -5.748  1.00 13.89 ? 6   GLU A CA  1 
ATOM   44  C C   . GLU A 1 7  ? -1.379  5.137   -4.760  1.00 15.15 ? 6   GLU A C   1 
ATOM   45  O O   . GLU A 1 7  ? -1.195  3.941   -4.477  1.00 12.50 ? 6   GLU A O   1 
ATOM   46  C CB  . GLU A 1 7  ? 0.588   6.705   -5.033  1.00 15.71 ? 6   GLU A CB  1 
ATOM   47  C CG  . GLU A 1 7  ? 1.810   7.037   -5.930  1.00 15.60 ? 6   GLU A CG  1 
ATOM   48  C CD  . GLU A 1 7  ? 2.688   8.146   -5.346  1.00 22.99 ? 6   GLU A CD  1 
ATOM   49  O OE1 . GLU A 1 7  ? 3.856   8.303   -5.776  1.00 18.95 ? 6   GLU A OE1 1 
ATOM   50  O OE2 . GLU A 1 7  ? 2.204   8.860   -4.444  1.00 20.68 ? 6   GLU A OE2 1 
ATOM   51  N N   . LYS A 1 8  ? -2.410  5.836   -4.271  1.00 13.41 ? 7   LYS A N   1 
ATOM   52  C CA  . LYS A 1 8  ? -3.304  5.222   -3.295  1.00 15.56 ? 7   LYS A CA  1 
ATOM   53  C C   . LYS A 1 8  ? -4.140  4.126   -3.953  1.00 15.65 ? 7   LYS A C   1 
ATOM   54  O O   . LYS A 1 8  ? -4.331  3.048   -3.375  1.00 12.66 ? 7   LYS A O   1 
ATOM   55  C CB  . LYS A 1 8  ? -4.186  6.291   -2.629  1.00 17.10 ? 7   LYS A CB  1 
ATOM   56  C CG  . LYS A 1 8  ? -5.435  5.707   -1.956  1.00 35.24 ? 7   LYS A CG  1 
ATOM   57  C CD  . LYS A 1 8  ? -6.701  6.575   -2.083  1.00 41.89 ? 7   LYS A CD  1 
ATOM   58  C CE  . LYS A 1 8  ? -7.984  5.760   -2.048  1.00 35.27 ? 7   LYS A CE  1 
ATOM   59  N NZ  . LYS A 1 8  ? -8.202  4.871   -3.244  1.00 32.49 ? 7   LYS A NZ  1 
ATOM   60  N N   . LYS A 1 9  ? -4.649  4.381   -5.167  1.00 15.79 ? 8   LYS A N   1 
ATOM   61  C CA  . LYS A 1 9  ? -5.447  3.373   -5.868  1.00 15.81 ? 8   LYS A CA  1 
ATOM   62  C C   . LYS A 1 9  ? -4.619  2.134   -6.182  1.00 12.21 ? 8   LYS A C   1 
ATOM   63  O O   . LYS A 1 9  ? -5.128  1.003   -6.146  1.00 12.53 ? 8   LYS A O   1 
ATOM   64  C CB  . LYS A 1 9  ? -6.030  3.951   -7.163  1.00 13.86 ? 8   LYS A CB  1 
ATOM   65  C CG  . LYS A 1 9  ? -7.231  4.877   -6.974  1.00 18.32 ? 8   LYS A CG  1 
ATOM   66  C CD  . LYS A 1 9  ? -7.717  5.416   -8.321  1.00 15.19 ? 8   LYS A CD  1 
ATOM   67  C CE  . LYS A 1 9  ? -9.148  5.930   -8.253  1.00 19.69 ? 8   LYS A CE  1 
ATOM   68  N NZ  . LYS A 1 9  ? -10.125 4.905   -7.758  1.00 19.19 ? 8   LYS A NZ  1 
ATOM   69  N N   . VAL A 1 10 ? -3.343  2.327   -6.520  1.00 10.61 ? 9   VAL A N   1 
ATOM   70  C CA  . VAL A 1 10 ? -2.484  1.186   -6.820  1.00 10.06 ? 9   VAL A CA  1 
ATOM   71  C C   . VAL A 1 10 ? -2.186  0.402   -5.552  1.00 12.98 ? 9   VAL A C   1 
ATOM   72  O O   . VAL A 1 10 ? -2.178  -0.836  -5.555  1.00 13.64 ? 9   VAL A O   1 
ATOM   73  C CB  . VAL A 1 10 ? -1.199  1.661   -7.523  1.00 10.95 ? 9   VAL A CB  1 
ATOM   74  C CG1 . VAL A 1 10 ? -0.095  0.604   -7.406  1.00 13.64 ? 9   VAL A CG1 1 
ATOM   75  C CG2 . VAL A 1 10 ? -1.493  1.994   -8.996  1.00 11.76 ? 9   VAL A CG2 1 
ATOM   76  N N   . ALA A 1 11 ? -1.969  1.106   -4.438  1.00 11.37 ? 10  ALA A N   1 
ATOM   77  C CA  . ALA A 1 11 ? -1.756  0.423   -3.163  1.00 13.77 ? 10  ALA A CA  1 
ATOM   78  C C   . ALA A 1 11 ? -2.986  -0.378  -2.744  1.00 13.56 ? 10  ALA A C   1 
ATOM   79  O O   . ALA A 1 11 ? -2.862  -1.504  -2.246  1.00 12.08 ? 10  ALA A O   1 
ATOM   80  C CB  . ALA A 1 11 ? -1.389  1.436   -2.083  1.00 11.12 ? 10  ALA A CB  1 
ATOM   81  N N   . ALA A 1 12 ? -4.182  0.192   -2.925  1.00 11.34 ? 11  ALA A N   1 
ATOM   82  C CA  . ALA A 1 12 ? -5.405  -0.539  -2.606  1.00 13.73 ? 11  ALA A CA  1 
ATOM   83  C C   . ALA A 1 12 ? -5.535  -1.781  -3.473  1.00 12.76 ? 11  ALA A C   1 
ATOM   84  O O   . ALA A 1 12 ? -5.968  -2.839  -2.997  1.00 12.08 ? 11  ALA A O   1 
ATOM   85  C CB  . ALA A 1 12 ? -6.624  0.365   -2.780  1.00 14.09 ? 11  ALA A CB  1 
ATOM   86  N N   . LEU A 1 13 ? -5.169  -1.673  -4.752  1.00 10.55 ? 12  LEU A N   1 
ATOM   87  C CA  . LEU A 1 13 ? -5.165  -2.840  -5.624  1.00 11.85 ? 12  LEU A CA  1 
ATOM   88  C C   . LEU A 1 13 ? -4.169  -3.893  -5.145  1.00 12.62 ? 12  LEU A C   1 
ATOM   89  O O   . LEU A 1 13 ? -4.488  -5.089  -5.121  1.00 10.31 ? 12  LEU A O   1 
ATOM   90  C CB  . LEU A 1 13 ? -4.847  -2.419  -7.056  1.00 15.30 ? 12  LEU A CB  1 
ATOM   91  C CG  . LEU A 1 13 ? -5.996  -1.762  -7.828  1.00 15.36 ? 12  LEU A CG  1 
ATOM   92  C CD1 . LEU A 1 13 ? -5.449  -1.126  -9.105  1.00 14.92 ? 12  LEU A CD1 1 
ATOM   93  C CD2 . LEU A 1 13 ? -7.084  -2.801  -8.136  1.00 11.90 ? 12  LEU A CD2 1 
ATOM   94  N N   . GLU A 1 14 ? -2.963  -3.469  -4.757  1.00 10.67 ? 13  GLU A N   1 
ATOM   95  C CA  . GLU A 1 14 ? -1.958  -4.423  -4.290  1.00 10.73 ? 13  GLU A CA  1 
ATOM   96  C C   . GLU A 1 14 ? -2.453  -5.199  -3.074  1.00 10.09 ? 13  GLU A C   1 
ATOM   97  O O   . GLU A 1 14 ? -2.232  -6.412  -2.973  1.00 10.17 ? 13  GLU A O   1 
ATOM   98  C CB  . GLU A 1 14 ? -0.641  -3.694  -3.978  1.00 12.84 ? 13  GLU A CB  1 
ATOM   99  C CG  . GLU A 1 14 ? 0.101   -3.173  -5.224  1.00 12.90 ? 13  GLU A CG  1 
ATOM   100 C CD  . GLU A 1 14 ? 1.235   -2.213  -4.874  1.00 18.10 ? 13  GLU A CD  1 
ATOM   101 O OE1 . GLU A 1 14 ? 1.241   -1.676  -3.751  1.00 15.45 ? 13  GLU A OE1 1 
ATOM   102 O OE2 . GLU A 1 14 ? 2.125   -1.996  -5.716  1.00 15.72 ? 13  GLU A OE2 1 
ATOM   103 N N   . LEU A 1 15 ? -3.146  -4.526  -2.150  1.00 10.84 ? 14  LEU A N   1 
ATOM   104 C CA  . LEU A 1 15 ? -3.689  -5.220  -0.982  1.00 10.77 ? 14  LEU A CA  1 
ATOM   105 C C   . LEU A 1 15 ? -4.809  -6.181  -1.363  1.00 9.41  ? 14  LEU A C   1 
ATOM   106 O O   . LEU A 1 15 ? -4.914  -7.276  -0.797  1.00 8.49  ? 14  LEU A O   1 
ATOM   107 C CB  . LEU A 1 15 ? -4.203  -4.214  0.038   1.00 13.24 ? 14  LEU A CB  1 
ATOM   108 C CG  . LEU A 1 15 ? -3.133  -3.371  0.714   1.00 14.98 ? 14  LEU A CG  1 
ATOM   109 C CD1 . LEU A 1 15 ? -3.817  -2.420  1.659   1.00 17.84 ? 14  LEU A CD1 1 
ATOM   110 C CD2 . LEU A 1 15 ? -2.166  -4.272  1.436   1.00 14.29 ? 14  LEU A CD2 1 
ATOM   111 N N   . LYS A 1 16 ? -5.668  -5.788  -2.304  1.00 9.69  ? 15  LYS A N   1 
ATOM   112 C CA  . LYS A 1 16 ? -6.746  -6.678  -2.726  1.00 10.17 ? 15  LYS A CA  1 
ATOM   113 C C   . LYS A 1 16 ? -6.198  -7.895  -3.466  1.00 9.84  ? 15  LYS A C   1 
ATOM   114 O O   . LYS A 1 16 ? -6.719  -9.010  -3.315  1.00 10.16 ? 15  LYS A O   1 
ATOM   115 C CB  . LYS A 1 16 ? -7.746  -5.914  -3.600  1.00 9.28  ? 15  LYS A CB  1 
ATOM   116 C CG  . LYS A 1 16 ? -8.601  -4.920  -2.830  1.00 11.48 ? 15  LYS A CG  1 
ATOM   117 C CD  . LYS A 1 16 ? -9.393  -4.011  -3.761  1.00 14.08 ? 15  LYS A CD  1 
ATOM   118 C CE  . LYS A 1 16 ? -10.405 -3.200  -2.959  1.00 19.93 ? 15  LYS A CE  1 
ATOM   119 N NZ  . LYS A 1 16 ? -11.014 -2.099  -3.739  1.00 24.51 ? 15  LYS A NZ  1 
ATOM   120 N N   . VAL A 1 17 ? -5.157  -7.700  -4.276  1.00 7.85  ? 16  VAL A N   1 
ATOM   121 C CA  . VAL A 1 17 ? -4.557  -8.815  -5.007  1.00 10.13 ? 16  VAL A CA  1 
ATOM   122 C C   . VAL A 1 17 ? -3.899  -9.786  -4.035  1.00 9.92  ? 16  VAL A C   1 
ATOM   123 O O   . VAL A 1 17 ? -4.046  -11.007 -4.158  1.00 10.08 ? 16  VAL A O   1 
ATOM   124 C CB  . VAL A 1 17 ? -3.561  -8.281  -6.063  1.00 9.27  ? 16  VAL A CB  1 
ATOM   125 C CG1 . VAL A 1 17 ? -2.554  -9.358  -6.486  1.00 8.13  ? 16  VAL A CG1 1 
ATOM   126 C CG2 . VAL A 1 17 ? -4.313  -7.744  -7.272  1.00 9.59  ? 16  VAL A CG2 1 
ATOM   127 N N   . GLN A 1 18 ? -3.172  -9.254  -3.052  1.00 9.37  ? 17  GLN A N   1 
ATOM   128 C CA  . GLN A 1 18 ? -2.565  -10.079 -2.011  1.00 9.74  ? 17  GLN A CA  1 
ATOM   129 C C   . GLN A 1 18 ? -3.606  -10.932 -1.293  1.00 9.33  ? 17  GLN A C   1 
ATOM   130 O O   . GLN A 1 18 ? -3.389  -12.127 -1.051  1.00 9.05  ? 17  GLN A O   1 
ATOM   131 C CB  . GLN A 1 18 ? -1.839  -9.168  -1.022  1.00 10.78 ? 17  GLN A CB  1 
ATOM   132 C CG  . GLN A 1 18 ? -1.316  -9.856  0.222   1.00 15.24 ? 17  GLN A CG  1 
ATOM   133 C CD  . GLN A 1 18 ? -0.454  -8.913  1.055   1.00 16.65 ? 17  GLN A CD  1 
ATOM   134 O OE1 . GLN A 1 18 ? 0.767   -8.869  0.902   1.00 18.16 ? 17  GLN A OE1 1 
ATOM   135 N NE2 . GLN A 1 18 ? -1.099  -8.129  1.921   1.00 16.88 ? 17  GLN A NE2 1 
ATOM   136 N N   . ALA A 1 19 ? -4.742  -10.331 -0.945  1.00 7.48  ? 18  ALA A N   1 
ATOM   137 C CA  . ALA A 1 19 ? -5.796  -11.059 -0.251  1.00 8.89  ? 18  ALA A CA  1 
ATOM   138 C C   . ALA A 1 19 ? -6.420  -12.128 -1.145  1.00 9.36  ? 18  ALA A C   1 
ATOM   139 O O   . ALA A 1 19 ? -6.727  -13.236 -0.676  1.00 7.35  ? 18  ALA A O   1 
ATOM   140 C CB  . ALA A 1 19 ? -6.856  -10.074 0.240   1.00 10.92 ? 18  ALA A CB  1 
ATOM   141 N N   . LEU A 1 20 ? -6.626  -11.807 -2.429  1.00 8.15  ? 19  LEU A N   1 
ATOM   142 C CA  . LEU A 1 20 ? -7.092  -12.800 -3.393  1.00 10.02 ? 19  LEU A CA  1 
ATOM   143 C C   . LEU A 1 20 ? -6.093  -13.938 -3.535  1.00 8.14  ? 19  LEU A C   1 
ATOM   144 O O   . LEU A 1 20 ? -6.479  -15.112 -3.574  1.00 9.81  ? 19  LEU A O   1 
ATOM   145 C CB  . LEU A 1 20 ? -7.335  -12.145 -4.758  1.00 8.39  ? 19  LEU A CB  1 
ATOM   146 C CG  . LEU A 1 20 ? -8.650  -11.376 -4.945  1.00 10.45 ? 19  LEU A CG  1 
ATOM   147 C CD1 . LEU A 1 20 ? -8.584  -10.496 -6.198  1.00 6.77  ? 19  LEU A CD1 1 
ATOM   148 C CD2 . LEU A 1 20 ? -9.851  -12.320 -5.019  1.00 7.53  ? 19  LEU A CD2 1 
ATOM   149 N N   . GLU A 1 21 ? -4.805  -13.614 -3.635  1.00 7.93  ? 20  GLU A N   1 
ATOM   150 C CA  . GLU A 1 21 ? -3.798  -14.663 -3.752  1.00 10.44 ? 20  GLU A CA  1 
ATOM   151 C C   . GLU A 1 21 ? -3.863  -15.631 -2.575  1.00 10.12 ? 20  GLU A C   1 
ATOM   152 O O   . GLU A 1 21 ? -3.797  -16.851 -2.765  1.00 9.31  ? 20  GLU A O   1 
ATOM   153 C CB  . GLU A 1 21 ? -2.407  -14.043 -3.879  1.00 12.83 ? 20  GLU A CB  1 
ATOM   154 C CG  . GLU A 1 21 ? -2.145  -13.442 -5.257  1.00 9.74  ? 20  GLU A CG  1 
ATOM   155 C CD  . GLU A 1 21 ? -0.849  -12.676 -5.315  1.00 11.17 ? 20  GLU A CD  1 
ATOM   156 O OE1 . GLU A 1 21 ? -0.431  -12.310 -6.429  1.00 10.07 ? 20  GLU A OE1 1 
ATOM   157 O OE2 . GLU A 1 21 ? -0.258  -12.432 -4.246  1.00 11.49 ? 20  GLU A OE2 1 
ATOM   158 N N   . LYS A 1 22 ? -4.011  -15.112 -1.354  1.00 9.45  ? 21  LYS A N   1 
ATOM   159 C CA  . LYS A 1 22 ? -4.084  -15.996 -0.191  1.00 12.25 ? 21  LYS A CA  1 
ATOM   160 C C   . LYS A 1 22 ? -5.297  -16.916 -0.272  1.00 12.30 ? 21  LYS A C   1 
ATOM   161 O O   . LYS A 1 22 ? -5.199  -18.119 0.011   1.00 9.50  ? 21  LYS A O   1 
ATOM   162 C CB  . LYS A 1 22 ? -4.132  -15.171 1.099   1.00 10.63 ? 21  LYS A CB  1 
ATOM   163 C CG  . LYS A 1 22 ? -2.837  -14.448 1.438   1.00 13.60 ? 21  LYS A CG  1 
ATOM   164 C CD  . LYS A 1 22 ? -2.994  -13.490 2.636   1.00 13.36 ? 21  LYS A CD  1 
ATOM   165 C CE  . LYS A 1 22 ? -1.671  -12.762 2.913   1.00 17.57 ? 21  LYS A CE  1 
ATOM   166 N NZ  . LYS A 1 22 ? -1.747  -11.755 4.013   1.00 13.47 ? 21  LYS A NZ  1 
ATOM   167 N N   . LYS A 1 23 ? -6.449  -16.372 -0.658  1.00 10.42 ? 22  LYS A N   1 
ATOM   168 C CA  . LYS A 1 23 ? -7.658  -17.180 -0.745  1.00 10.90 ? 22  LYS A CA  1 
ATOM   169 C C   . LYS A 1 23 ? -7.556  -18.227 -1.844  1.00 10.24 ? 22  LYS A C   1 
ATOM   170 O O   . LYS A 1 23 ? -7.969  -19.380 -1.649  1.00 11.03 ? 22  LYS A O   1 
ATOM   171 C CB  . LYS A 1 23 ? -8.873  -16.274 -0.976  1.00 11.33 ? 22  LYS A CB  1 
ATOM   172 C CG  . LYS A 1 23 ? -9.233  -15.455 0.252   1.00 13.16 ? 22  LYS A CG  1 
ATOM   173 C CD  . LYS A 1 23 ? -10.436 -14.583 0.010   1.00 19.87 ? 22  LYS A CD  1 
ATOM   174 C CE  . LYS A 1 23 ? -10.998 -14.112 1.337   1.00 25.17 ? 22  LYS A CE  1 
ATOM   175 N NZ  . LYS A 1 23 ? -12.383 -13.629 1.197   1.00 26.34 ? 22  LYS A NZ  1 
ATOM   176 N N   . VAL A 1 24 ? -7.014  -17.852 -3.007  1.00 9.46  ? 23  VAL A N   1 
ATOM   177 C CA  . VAL A 1 24 ? -6.937  -18.803 -4.115  1.00 8.34  ? 23  VAL A CA  1 
ATOM   178 C C   . VAL A 1 24 ? -5.956  -19.921 -3.792  1.00 10.34 ? 23  VAL A C   1 
ATOM   179 O O   . VAL A 1 24 ? -6.225  -21.096 -4.072  1.00 9.97  ? 23  VAL A O   1 
ATOM   180 C CB  . VAL A 1 24 ? -6.576  -18.073 -5.426  1.00 9.87  ? 23  VAL A CB  1 
ATOM   181 C CG1 . VAL A 1 24 ? -6.275  -19.087 -6.561  1.00 9.46  ? 23  VAL A CG1 1 
ATOM   182 C CG2 . VAL A 1 24 ? -7.726  -17.159 -5.832  1.00 8.99  ? 23  VAL A CG2 1 
ATOM   183 N N   . GLU A 1 25 ? -4.813  -19.586 -3.179  1.00 9.54  ? 24  GLU A N   1 
ATOM   184 C CA  . GLU A 1 25 ? -3.861  -20.627 -2.799  1.00 10.84 ? 24  GLU A CA  1 
ATOM   185 C C   . GLU A 1 25 ? -4.479  -21.593 -1.789  1.00 10.04 ? 24  GLU A C   1 
ATOM   186 O O   . GLU A 1 25 ? -4.254  -22.807 -1.863  1.00 12.64 ? 24  GLU A O   1 
ATOM   187 C CB  . GLU A 1 25 ? -2.577  -20.003 -2.245  1.00 10.11 ? 24  GLU A CB  1 
ATOM   188 C CG  . GLU A 1 25 ? -1.757  -19.180 -3.264  1.00 14.73 ? 24  GLU A CG  1 
ATOM   189 C CD  . GLU A 1 25 ? -1.278  -19.984 -4.489  1.00 20.04 ? 24  GLU A CD  1 
ATOM   190 O OE1 . GLU A 1 25 ? -1.161  -21.227 -4.419  1.00 19.39 ? 24  GLU A OE1 1 
ATOM   191 O OE2 . GLU A 1 25 ? -1.005  -19.353 -5.532  1.00 21.41 ? 24  GLU A OE2 1 
ATOM   192 N N   . ALA A 1 26 ? -5.284  -21.078 -0.855  1.00 9.89  ? 25  ALA A N   1 
ATOM   193 C CA  . ALA A 1 26 ? -5.979  -21.953 0.089   1.00 11.03 ? 25  ALA A CA  1 
ATOM   194 C C   . ALA A 1 26 ? -6.957  -22.870 -0.630  1.00 12.33 ? 25  ALA A C   1 
ATOM   195 O O   . ALA A 1 26 ? -7.046  -24.067 -0.325  1.00 15.85 ? 25  ALA A O   1 
ATOM   196 C CB  . ALA A 1 26 ? -6.720  -21.124 1.142   1.00 13.60 ? 25  ALA A CB  1 
ATOM   197 N N   . LEU A 1 27 ? -7.702  -22.325 -1.588  1.00 12.76 ? 26  LEU A N   1 
ATOM   198 C CA  . LEU A 1 27 ? -8.630  -23.147 -2.354  1.00 10.43 ? 26  LEU A CA  1 
ATOM   199 C C   . LEU A 1 27 ? -7.887  -24.200 -3.167  1.00 14.27 ? 26  LEU A C   1 
ATOM   200 O O   . LEU A 1 27 ? -8.275  -25.377 -3.179  1.00 11.03 ? 26  LEU A O   1 
ATOM   201 C CB  . LEU A 1 27 ? -9.493  -22.262 -3.262  1.00 10.46 ? 26  LEU A CB  1 
ATOM   202 C CG  . LEU A 1 27 ? -10.576 -21.448 -2.536  1.00 13.35 ? 26  LEU A CG  1 
ATOM   203 C CD1 . LEU A 1 27 ? -11.174 -20.365 -3.444  1.00 13.43 ? 26  LEU A CD1 1 
ATOM   204 C CD2 . LEU A 1 27 ? -11.675 -22.355 -1.927  1.00 13.42 ? 26  LEU A CD2 1 
ATOM   205 N N   . GLU A 1 28 ? -6.810  -23.814 -3.855  1.00 10.66 ? 27  GLU A N   1 
ATOM   206 C CA  . GLU A 1 28 ? -6.206  -24.820 -4.722  1.00 14.30 ? 27  GLU A CA  1 
ATOM   207 C C   . GLU A 1 28 ? -5.381  -25.848 -3.954  1.00 18.75 ? 27  GLU A C   1 
ATOM   208 O O   . GLU A 1 28 ? -5.263  -26.990 -4.414  1.00 16.52 ? 27  GLU A O   1 
ATOM   209 C CB  . GLU A 1 28 ? -5.368  -24.170 -5.817  1.00 17.78 ? 27  GLU A CB  1 
ATOM   210 C CG  . GLU A 1 28 ? -4.179  -23.393 -5.366  1.00 20.08 ? 27  GLU A CG  1 
ATOM   211 C CD  . GLU A 1 28 ? -3.417  -22.860 -6.570  1.00 31.35 ? 27  GLU A CD  1 
ATOM   212 O OE1 . GLU A 1 28 ? -2.153  -22.885 -6.557  1.00 30.11 ? 27  GLU A OE1 1 
ATOM   213 O OE2 . GLU A 1 28 ? -4.106  -22.456 -7.546  1.00 29.17 ? 27  GLU A OE2 1 
ATOM   214 N N   . HIS A 1 29 ? -4.825  -25.491 -2.793  1.00 11.63 ? 28  HIS A N   1 
ATOM   215 C CA  . HIS A 1 29 ? -4.069  -26.452 -1.997  1.00 14.69 ? 28  HIS A CA  1 
ATOM   216 C C   . HIS A 1 29 ? -4.923  -27.178 -0.967  1.00 12.93 ? 28  HIS A C   1 
ATOM   217 O O   . HIS A 1 29 ? -4.456  -28.162 -0.384  1.00 17.09 ? 28  HIS A O   1 
ATOM   218 C CB  . HIS A 1 29 ? -2.908  -25.764 -1.266  1.00 14.86 ? 28  HIS A CB  1 
ATOM   219 C CG  . HIS A 1 29 ? -1.827  -25.254 -2.175  1.00 15.32 ? 28  HIS A CG  1 
ATOM   220 N ND1 . HIS A 1 29 ? -0.902  -26.080 -2.769  1.00 16.56 ? 28  HIS A ND1 1 
ATOM   221 C CD2 . HIS A 1 29 ? -1.525  -23.996 -2.579  1.00 17.53 ? 28  HIS A CD2 1 
ATOM   222 C CE1 . HIS A 1 29 ? -0.075  -25.356 -3.509  1.00 17.23 ? 28  HIS A CE1 1 
ATOM   223 N NE2 . HIS A 1 29 ? -0.426  -24.090 -3.403  1.00 19.55 ? 28  HIS A NE2 1 
ATOM   224 N N   . GLY A 1 30 ? -6.141  -26.712 -0.711  1.00 15.88 ? 29  GLY A N   1 
ATOM   225 C CA  . GLY A 1 30 ? -6.993  -27.328 0.294   1.00 15.06 ? 29  GLY A CA  1 
ATOM   226 C C   . GLY A 1 30 ? -6.587  -27.038 1.724   1.00 19.81 ? 29  GLY A C   1 
ATOM   227 O O   . GLY A 1 30 ? -6.784  -27.891 2.603   1.00 17.45 ? 29  GLY A O   1 
ATOM   228 N N   . TRP A 1 31 ? -6.030  -25.852 1.985   1.00 15.86 ? 30  TRP A N   1 
ATOM   229 C CA  . TRP A 1 31 ? -5.526  -25.526 3.313   1.00 14.42 ? 30  TRP A CA  1 
ATOM   230 C C   . TRP A 1 31 ? -6.649  -25.548 4.346   1.00 24.03 ? 30  TRP A C   1 
ATOM   231 O O   . TRP A 1 31 ? -7.712  -24.953 4.140   1.00 22.05 ? 30  TRP A O   1 
ATOM   232 C CB  . TRP A 1 31 ? -4.851  -24.152 3.304   1.00 16.55 ? 30  TRP A CB  1 
ATOM   233 C CG  . TRP A 1 31 ? -3.551  -24.132 2.539   1.00 14.41 ? 30  TRP A CG  1 
ATOM   234 C CD1 . TRP A 1 31 ? -2.786  -25.212 2.190   1.00 12.88 ? 30  TRP A CD1 1 
ATOM   235 C CD2 . TRP A 1 31 ? -2.870  -22.975 2.034   1.00 11.57 ? 30  TRP A CD2 1 
ATOM   236 N NE1 . TRP A 1 31 ? -1.668  -24.797 1.500   1.00 12.81 ? 30  TRP A NE1 1 
ATOM   237 C CE2 . TRP A 1 31 ? -1.700  -23.437 1.380   1.00 13.05 ? 30  TRP A CE2 1 
ATOM   238 C CE3 . TRP A 1 31 ? -3.140  -21.605 2.058   1.00 15.01 ? 30  TRP A CE3 1 
ATOM   239 C CZ2 . TRP A 1 31 ? -0.795  -22.565 0.771   1.00 9.85  ? 30  TRP A CZ2 1 
ATOM   240 C CZ3 . TRP A 1 31 ? -2.234  -20.738 1.452   1.00 13.61 ? 30  TRP A CZ3 1 
ATOM   241 C CH2 . TRP A 1 31 ? -1.077  -21.227 0.810   1.00 11.19 ? 30  TRP A CH2 1 
ATOM   242 N N   . ASP A 1 32 ? -6.396  -26.254 5.456   1.00 20.99 ? 31  ASP A N   1 
ATOM   243 C CA  . ASP A 1 32 ? -7.310  -26.346 6.599   1.00 23.24 ? 31  ASP A CA  1 
ATOM   244 C C   . ASP A 1 32 ? -8.691  -26.818 6.163   1.00 22.04 ? 31  ASP A C   1 
ATOM   245 O O   . ASP A 1 32 ? -9.700  -26.511 6.806   1.00 22.37 ? 31  ASP A O   1 
ATOM   246 C CB  . ASP A 1 32 ? -7.389  -25.016 7.352   1.00 20.24 ? 31  ASP A CB  1 
ATOM   247 C CG  . ASP A 1 32 ? -6.059  -24.621 7.983   1.00 26.25 ? 31  ASP A CG  1 
ATOM   248 O OD1 . ASP A 1 32 ? -5.734  -25.158 9.069   1.00 23.73 ? 31  ASP A OD1 1 
ATOM   249 O OD2 . ASP A 1 32 ? -5.341  -23.784 7.386   1.00 23.38 ? 31  ASP A OD2 1 
ATOM   250 N N   . GLY A 1 33 ? -8.722  -27.585 5.070   1.00 22.03 ? 32  GLY A N   1 
ATOM   251 C CA  . GLY A 1 33 ? -9.928  -28.123 4.485   1.00 23.13 ? 32  GLY A CA  1 
ATOM   252 C C   . GLY A 1 33 ? -10.744 -27.142 3.672   1.00 28.46 ? 32  GLY A C   1 
ATOM   253 O O   . GLY A 1 33 ? -11.856 -27.490 3.254   1.00 35.54 ? 32  GLY A O   1 
ATOM   254 N N   . ARG A 1 34 ? -10.243 -25.929 3.454   1.00 21.55 ? 33  ARG A N   1 
ATOM   255 C CA  . ARG A 1 34 ? -10.880 -24.968 2.555   1.00 25.65 ? 33  ARG A CA  1 
ATOM   256 C C   . ARG A 1 34 ? -10.952 -25.491 1.117   1.00 21.99 ? 33  ARG A C   1 
ATOM   257 O O   . ARG A 1 34 ? -10.160 -26.350 0.729   1.00 24.71 ? 33  ARG A O   1 
ATOM   258 C CB  . ARG A 1 34 ? -10.122 -23.640 2.578   1.00 21.48 ? 33  ARG A CB  1 
ATOM   259 C CG  . ARG A 1 34 ? -10.323 -22.855 3.851   1.00 23.42 ? 33  ARG A CG  1 
ATOM   260 C CD  . ARG A 1 34 ? -9.357  -21.696 3.912   1.00 19.74 ? 33  ARG A CD  1 
ATOM   261 N NE  . ARG A 1 34 ? -8.110  -22.078 4.569   1.00 22.28 ? 33  ARG A NE  1 
ATOM   262 C CZ  . ARG A 1 34 ? -7.152  -21.216 4.900   1.00 26.40 ? 33  ARG A CZ  1 
ATOM   263 N NH1 . ARG A 1 34 ? -7.304  -19.920 4.631   1.00 26.71 ? 33  ARG A NH1 1 
ATOM   264 N NH2 . ARG A 1 34 ? -6.052  -21.640 5.509   1.00 17.12 ? 33  ARG A NH2 1 
HETATM 265 C C   . ACE B 1 1  ? -9.863  -8.518  9.786   1.00 24.34 ? 0   ACE B C   1 
HETATM 266 O O   . ACE B 1 1  ? -9.617  -7.489  9.150   1.00 21.13 ? 0   ACE B O   1 
HETATM 267 C CH3 . ACE B 1 1  ? -10.734 -9.603  9.225   1.00 20.81 ? 0   ACE B CH3 1 
ATOM   268 N N   . GLU B 1 2  ? -9.374  -8.750  11.008  1.00 21.92 ? 1   GLU B N   1 
ATOM   269 C CA  . GLU B 1 2  ? -8.503  -7.820  11.725  1.00 20.58 ? 1   GLU B CA  1 
ATOM   270 C C   . GLU B 1 2  ? -7.184  -7.591  11.016  1.00 20.47 ? 1   GLU B C   1 
ATOM   271 O O   . GLU B 1 2  ? -6.719  -6.455  10.888  1.00 18.57 ? 1   GLU B O   1 
ATOM   272 C CB  . GLU B 1 2  ? -8.218  -8.332  13.132  1.00 22.06 ? 1   GLU B CB  1 
ATOM   273 C CG  . GLU B 1 2  ? -9.068  -7.695  14.191  1.00 23.20 ? 1   GLU B CG  1 
ATOM   274 C CD  . GLU B 1 2  ? -8.967  -8.438  15.495  1.00 25.70 ? 1   GLU B CD  1 
ATOM   275 O OE1 . GLU B 1 2  ? -8.566  -9.617  15.454  1.00 30.34 ? 1   GLU B OE1 1 
ATOM   276 O OE2 . GLU B 1 2  ? -9.281  -7.856  16.552  1.00 24.86 ? 1   GLU B OE2 1 
ATOM   277 N N   . VAL B 1 3  ? -6.564  -8.680  10.563  1.00 18.86 ? 2   VAL B N   1 
ATOM   278 C CA  . VAL B 1 3  ? -5.255  -8.554  9.938   1.00 20.37 ? 2   VAL B CA  1 
ATOM   279 C C   . VAL B 1 3  ? -5.382  -7.868  8.589   1.00 19.00 ? 2   VAL B C   1 
ATOM   280 O O   . VAL B 1 3  ? -4.563  -7.011  8.232   1.00 17.60 ? 2   VAL B O   1 
ATOM   281 C CB  . VAL B 1 3  ? -4.586  -9.934  9.822   1.00 22.48 ? 2   VAL B CB  1 
ATOM   282 C CG1 . VAL B 1 3  ? -3.318  -9.834  8.993   1.00 22.55 ? 2   VAL B CG1 1 
ATOM   283 C CG2 . VAL B 1 3  ? -4.284  -10.483 11.203  1.00 23.19 ? 2   VAL B CG2 1 
ATOM   284 N N   . GLU B 1 4  ? -6.424  -8.214  7.825   1.00 19.14 ? 3   GLU B N   1 
ATOM   285 C CA  . GLU B 1 4  ? -6.644  -7.552  6.542   1.00 20.81 ? 3   GLU B CA  1 
ATOM   286 C C   . GLU B 1 4  ? -6.890  -6.057  6.726   1.00 20.68 ? 3   GLU B C   1 
ATOM   287 O O   . GLU B 1 4  ? -6.390  -5.230  5.949   1.00 16.90 ? 3   GLU B O   1 
ATOM   288 C CB  . GLU B 1 4  ? -7.816  -8.202  5.812   1.00 18.69 ? 3   GLU B CB  1 
ATOM   289 C CG  . GLU B 1 4  ? -7.900  -7.802  4.363   1.00 22.60 ? 3   GLU B CG  1 
ATOM   290 C CD  . GLU B 1 4  ? -8.709  -8.766  3.520   1.00 24.81 ? 3   GLU B CD  1 
ATOM   291 O OE1 . GLU B 1 4  ? -9.343  -8.304  2.547   1.00 27.21 ? 3   GLU B OE1 1 
ATOM   292 O OE2 . GLU B 1 4  ? -8.709  -9.979  3.824   1.00 24.07 ? 3   GLU B OE2 1 
ATOM   293 N N   . ALA B 1 5  ? -7.671  -5.691  7.744   1.00 16.27 ? 4   ALA B N   1 
ATOM   294 C CA  . ALA B 1 5  ? -7.900  -4.278  7.999   1.00 18.66 ? 4   ALA B CA  1 
ATOM   295 C C   . ALA B 1 5  ? -6.612  -3.576  8.415   1.00 15.55 ? 4   ALA B C   1 
ATOM   296 O O   . ALA B 1 5  ? -6.352  -2.448  7.982   1.00 14.21 ? 4   ALA B O   1 
ATOM   297 C CB  . ALA B 1 5  ? -8.985  -4.106  9.061   1.00 16.33 ? 4   ALA B CB  1 
ATOM   298 N N   . LEU B 1 6  ? -5.787  -4.231  9.239   1.00 15.46 ? 5   LEU B N   1 
ATOM   299 C CA  . LEU B 1 6  ? -4.525  -3.624  9.659   1.00 15.12 ? 5   LEU B CA  1 
ATOM   300 C C   . LEU B 1 6  ? -3.565  -3.494  8.490   1.00 13.57 ? 5   LEU B C   1 
ATOM   301 O O   . LEU B 1 6  ? -2.808  -2.523  8.409   1.00 11.85 ? 5   LEU B O   1 
ATOM   302 C CB  . LEU B 1 6  ? -3.872  -4.444  10.774  1.00 16.34 ? 5   LEU B CB  1 
ATOM   303 C CG  . LEU B 1 6  ? -4.311  -4.117  12.201  1.00 21.32 ? 5   LEU B CG  1 
ATOM   304 C CD1 . LEU B 1 6  ? -3.845  -5.206  13.167  1.00 19.56 ? 5   LEU B CD1 1 
ATOM   305 C CD2 . LEU B 1 6  ? -3.788  -2.735  12.624  1.00 21.44 ? 5   LEU B CD2 1 
ATOM   306 N N   . GLU B 1 7  ? -3.570  -4.469  7.583   1.00 11.93 ? 6   GLU B N   1 
ATOM   307 C CA  . GLU B 1 7  ? -2.764  -4.350  6.375   1.00 12.69 ? 6   GLU B CA  1 
ATOM   308 C C   . GLU B 1 7  ? -3.110  -3.071  5.626   1.00 11.75 ? 6   GLU B C   1 
ATOM   309 O O   . GLU B 1 7  ? -2.222  -2.369  5.122   1.00 12.08 ? 6   GLU B O   1 
ATOM   310 C CB  . GLU B 1 7  ? -2.978  -5.579  5.493   1.00 13.30 ? 6   GLU B CB  1 
ATOM   311 C CG  . GLU B 1 7  ? -2.267  -6.846  5.992   1.00 14.61 ? 6   GLU B CG  1 
ATOM   312 C CD  . GLU B 1 7  ? -2.758  -8.098  5.273   1.00 18.99 ? 6   GLU B CD  1 
ATOM   313 O OE1 . GLU B 1 7  ? -1.996  -9.087  5.182   1.00 18.67 ? 6   GLU B OE1 1 
ATOM   314 O OE2 . GLU B 1 7  ? -3.918  -8.088  4.793   1.00 20.86 ? 6   GLU B OE2 1 
ATOM   315 N N   . LYS B 1 8  ? -4.402  -2.725  5.597   1.00 12.94 ? 7   LYS B N   1 
ATOM   316 C CA  . LYS B 1 8  ? -4.850  -1.518  4.909   1.00 15.84 ? 7   LYS B CA  1 
ATOM   317 C C   . LYS B 1 8  ? -4.324  -0.257  5.593   1.00 14.82 ? 7   LYS B C   1 
ATOM   318 O O   . LYS B 1 8  ? -3.798  0.650   4.931   1.00 12.35 ? 7   LYS B O   1 
ATOM   319 C CB  . LYS B 1 8  ? -6.377  -1.506  4.851   1.00 18.43 ? 7   LYS B CB  1 
ATOM   320 C CG  . LYS B 1 8  ? -6.960  -0.605  3.786   1.00 25.43 ? 7   LYS B CG  1 
ATOM   321 C CD  . LYS B 1 8  ? -8.378  -1.046  3.428   1.00 34.19 ? 7   LYS B CD  1 
ATOM   322 C CE  . LYS B 1 8  ? -8.441  -2.545  3.169   1.00 29.37 ? 7   LYS B CE  1 
ATOM   323 N NZ  . LYS B 1 8  ? -9.850  -3.004  3.012   1.00 39.53 ? 7   LYS B NZ  1 
ATOM   324 N N   . LYS B 1 9  ? -4.461  -0.182  6.921   1.00 15.17 ? 8   LYS B N   1 
ATOM   325 C CA  . LYS B 1 9  ? -3.962  0.974   7.666   1.00 15.55 ? 8   LYS B CA  1 
ATOM   326 C C   . LYS B 1 9  ? -2.453  1.118   7.521   1.00 13.88 ? 8   LYS B C   1 
ATOM   327 O O   . LYS B 1 9  ? -1.930  2.238   7.449   1.00 13.57 ? 8   LYS B O   1 
ATOM   328 C CB  . LYS B 1 9  ? -4.326  0.853   9.148   1.00 15.49 ? 8   LYS B CB  1 
ATOM   329 C CG  . LYS B 1 9  ? -5.789  1.073   9.473   1.00 17.04 ? 8   LYS B CG  1 
ATOM   330 C CD  . LYS B 1 9  ? -6.021  0.896   10.965  1.00 15.20 ? 8   LYS B CD  1 
ATOM   331 C CE  . LYS B 1 9  ? -7.230  1.681   11.431  1.00 21.63 ? 8   LYS B CE  1 
ATOM   332 N NZ  . LYS B 1 9  ? -7.040  3.161   11.312  1.00 20.10 ? 8   LYS B NZ  1 
ATOM   333 N N   . VAL B 1 10 ? -1.734  -0.005  7.520   1.00 10.85 ? 9   VAL B N   1 
ATOM   334 C CA  . VAL B 1 10 ? -0.285  0.059   7.368   1.00 13.90 ? 9   VAL B CA  1 
ATOM   335 C C   . VAL B 1 10 ? 0.074   0.563   5.981   1.00 12.73 ? 9   VAL B C   1 
ATOM   336 O O   . VAL B 1 10 ? 0.964   1.412   5.827   1.00 12.13 ? 9   VAL B O   1 
ATOM   337 C CB  . VAL B 1 10 ? 0.348   -1.316  7.651   1.00 13.33 ? 9   VAL B CB  1 
ATOM   338 C CG1 . VAL B 1 10 ? 1.728   -1.392  7.027   1.00 13.17 ? 9   VAL B CG1 1 
ATOM   339 C CG2 . VAL B 1 10 ? 0.427   -1.563  9.160   1.00 15.41 ? 9   VAL B CG2 1 
ATOM   340 N N   . ALA B 1 11 ? -0.636  0.080   4.956   1.00 11.00 ? 10  ALA B N   1 
ATOM   341 C CA  . ALA B 1 11 ? -0.406  0.558   3.596   1.00 13.43 ? 10  ALA B CA  1 
ATOM   342 C C   . ALA B 1 11 ? -0.704  2.048   3.470   1.00 13.63 ? 10  ALA B C   1 
ATOM   343 O O   . ALA B 1 11 ? 0.015   2.773   2.771   1.00 13.58 ? 10  ALA B O   1 
ATOM   344 C CB  . ALA B 1 11 ? -1.249  -0.247  2.608   1.00 14.14 ? 10  ALA B CB  1 
ATOM   345 N N   . ALA B 1 12 ? -1.754  2.525   4.143   1.00 10.88 ? 11  ALA B N   1 
ATOM   346 C CA  . ALA B 1 12 ? -2.060  3.954   4.110   1.00 13.37 ? 11  ALA B CA  1 
ATOM   347 C C   . ALA B 1 12 ? -0.957  4.763   4.781   1.00 12.57 ? 11  ALA B C   1 
ATOM   348 O O   . ALA B 1 12 ? -0.547  5.814   4.271   1.00 11.38 ? 11  ALA B O   1 
ATOM   349 C CB  . ALA B 1 12 ? -3.410  4.220   4.776   1.00 12.96 ? 11  ALA B CB  1 
ATOM   350 N N   . LEU B 1 13 ? -0.455  4.287   5.921   1.00 10.52 ? 12  LEU B N   1 
ATOM   351 C CA  . LEU B 1 13 ? 0.706   4.923   6.534   1.00 12.00 ? 12  LEU B CA  1 
ATOM   352 C C   . LEU B 1 13 ? 1.908   4.933   5.592   1.00 11.08 ? 12  LEU B C   1 
ATOM   353 O O   . LEU B 1 13 ? 2.618   5.942   5.496   1.00 12.02 ? 12  LEU B O   1 
ATOM   354 C CB  . LEU B 1 13 ? 1.063   4.217   7.842   1.00 13.84 ? 12  LEU B CB  1 
ATOM   355 C CG  . LEU B 1 13 ? 0.113   4.442   9.021   1.00 12.12 ? 12  LEU B CG  1 
ATOM   356 C CD1 . LEU B 1 13 ? 0.339   3.377   10.098  1.00 12.91 ? 12  LEU B CD1 1 
ATOM   357 C CD2 . LEU B 1 13 ? 0.310   5.863   9.572   1.00 15.68 ? 12  LEU B CD2 1 
ATOM   358 N N   . GLU B 1 14 ? 2.172   3.821   4.906   1.00 8.60  ? 13  GLU B N   1 
ATOM   359 C CA  . GLU B 1 14 ? 3.345   3.760   4.033   1.00 11.44 ? 13  GLU B CA  1 
ATOM   360 C C   . GLU B 1 14 ? 3.275   4.811   2.930   1.00 9.86  ? 13  GLU B C   1 
ATOM   361 O O   . GLU B 1 14 ? 4.290   5.426   2.581   1.00 9.49  ? 13  GLU B O   1 
ATOM   362 C CB  . GLU B 1 14 ? 3.483   2.356   3.433   1.00 12.83 ? 13  GLU B CB  1 
ATOM   363 C CG  . GLU B 1 14 ? 4.085   1.331   4.400   1.00 12.58 ? 13  GLU B CG  1 
ATOM   364 C CD  . GLU B 1 14 ? 3.935   -0.091  3.888   1.00 17.41 ? 13  GLU B CD  1 
ATOM   365 O OE1 . GLU B 1 14 ? 4.613   -1.002  4.410   1.00 18.29 ? 13  GLU B OE1 1 
ATOM   366 O OE2 . GLU B 1 14 ? 3.140   -0.289  2.949   1.00 14.85 ? 13  GLU B OE2 1 
ATOM   367 N N   . LEU B 1 15 ? 2.086   5.036   2.369   1.00 10.96 ? 14  LEU B N   1 
ATOM   368 C CA  . LEU B 1 15 ? 1.944   6.055   1.331   1.00 11.31 ? 14  LEU B CA  1 
ATOM   369 C C   . LEU B 1 15 ? 2.053   7.463   1.909   1.00 11.23 ? 14  LEU B C   1 
ATOM   370 O O   . LEU B 1 15 ? 2.640   8.349   1.282   1.00 10.28 ? 14  LEU B O   1 
ATOM   371 C CB  . LEU B 1 15 ? 0.610   5.894   0.608   1.00 13.55 ? 14  LEU B CB  1 
ATOM   372 C CG  . LEU B 1 15 ? 0.450   4.621   -0.216  1.00 16.02 ? 14  LEU B CG  1 
ATOM   373 C CD1 . LEU B 1 15 ? -0.940  4.613   -0.781  1.00 18.20 ? 14  LEU B CD1 1 
ATOM   374 C CD2 . LEU B 1 15 ? 1.503   4.572   -1.314  1.00 14.44 ? 14  LEU B CD2 1 
ATOM   375 N N   . LYS B 1 16 ? 1.480   7.693   3.094   1.00 10.76 ? 15  LYS B N   1 
ATOM   376 C CA  . LYS B 1 16 ? 1.606   9.003   3.728   1.00 9.13  ? 15  LYS B CA  1 
ATOM   377 C C   . LYS B 1 16 ? 3.059   9.310   4.073   1.00 11.10 ? 15  LYS B C   1 
ATOM   378 O O   . LYS B 1 16 ? 3.503   10.458  3.944   1.00 8.31  ? 15  LYS B O   1 
ATOM   379 C CB  . LYS B 1 16 ? 0.733   9.070   4.987   1.00 11.50 ? 15  LYS B CB  1 
ATOM   380 C CG  . LYS B 1 16 ? -0.760  9.278   4.741   1.00 11.61 ? 15  LYS B CG  1 
ATOM   381 C CD  . LYS B 1 16 ? -1.551  9.226   6.045   1.00 13.14 ? 15  LYS B CD  1 
ATOM   382 C CE  . LYS B 1 16 ? -3.034  9.545   5.819   1.00 18.87 ? 15  LYS B CE  1 
ATOM   383 N NZ  . LYS B 1 16 ? -3.261  11.042  5.749   1.00 21.47 ? 15  LYS B NZ  1 
ATOM   384 N N   . VAL B 1 17 ? 3.803   8.306   4.546   1.00 8.44  ? 16  VAL B N   1 
ATOM   385 C CA  . VAL B 1 17 ? 5.204   8.517   4.907   1.00 10.76 ? 16  VAL B CA  1 
ATOM   386 C C   . VAL B 1 17 ? 6.029   8.804   3.663   1.00 10.79 ? 16  VAL B C   1 
ATOM   387 O O   . VAL B 1 17 ? 6.937   9.646   3.676   1.00 10.49 ? 16  VAL B O   1 
ATOM   388 C CB  . VAL B 1 17 ? 5.743   7.291   5.681   1.00 10.87 ? 16  VAL B CB  1 
ATOM   389 C CG1 . VAL B 1 17 ? 7.271   7.183   5.579   1.00 8.49  ? 16  VAL B CG1 1 
ATOM   390 C CG2 . VAL B 1 17 ? 5.310   7.351   7.143   1.00 11.12 ? 16  VAL B CG2 1 
ATOM   391 N N   . GLN B 1 18 ? 5.728   8.106   2.570   1.00 8.99  ? 17  GLN B N   1 
ATOM   392 C CA  . GLN B 1 18 ? 6.422   8.346   1.313   1.00 11.78 ? 17  GLN B CA  1 
ATOM   393 C C   . GLN B 1 18 ? 6.192   9.769   0.815   1.00 10.17 ? 17  GLN B C   1 
ATOM   394 O O   . GLN B 1 18 ? 7.131   10.446  0.374   1.00 9.48  ? 17  GLN B O   1 
ATOM   395 C CB  . GLN B 1 18 ? 5.947   7.317   0.292   1.00 11.04 ? 17  GLN B CB  1 
ATOM   396 C CG  . GLN B 1 18 ? 6.309   7.600   -1.132  1.00 15.61 ? 17  GLN B CG  1 
ATOM   397 C CD  . GLN B 1 18 ? 5.856   6.468   -2.026  1.00 19.28 ? 17  GLN B CD  1 
ATOM   398 O OE1 . GLN B 1 18 ? 4.727   6.467   -2.539  1.00 19.81 ? 17  GLN B OE1 1 
ATOM   399 N NE2 . GLN B 1 18 ? 6.710   5.471   -2.176  1.00 13.56 ? 17  GLN B NE2 1 
ATOM   400 N N   . ALA B 1 19 ? 4.949   10.247  0.892   1.00 7.78  ? 18  ALA B N   1 
ATOM   401 C CA  . ALA B 1 19 ? 4.648   11.598  0.429   1.00 9.02  ? 18  ALA B CA  1 
ATOM   402 C C   . ALA B 1 19 ? 5.306   12.648  1.324   1.00 11.41 ? 18  ALA B C   1 
ATOM   403 O O   . ALA B 1 19 ? 5.801   13.672  0.830   1.00 9.38  ? 18  ALA B O   1 
ATOM   404 C CB  . ALA B 1 19 ? 3.134   11.797  0.368   1.00 12.33 ? 18  ALA B CB  1 
ATOM   405 N N   . LEU B 1 20 ? 5.322   12.409  2.642   1.00 7.70  ? 19  LEU B N   1 
ATOM   406 C CA  . LEU B 1 20 ? 6.078   13.273  3.549   1.00 8.22  ? 19  LEU B CA  1 
ATOM   407 C C   . LEU B 1 20 ? 7.564   13.253  3.216   1.00 8.80  ? 19  LEU B C   1 
ATOM   408 O O   . LEU B 1 20 ? 8.225   14.299  3.202   1.00 9.30  ? 19  LEU B O   1 
ATOM   409 C CB  . LEU B 1 20 ? 5.872   12.830  4.999   1.00 8.65  ? 19  LEU B CB  1 
ATOM   410 C CG  . LEU B 1 20 ? 4.580   13.216  5.721   1.00 8.80  ? 19  LEU B CG  1 
ATOM   411 C CD1 . LEU B 1 20 ? 4.430   12.372  6.995   1.00 8.56  ? 19  LEU B CD1 1 
ATOM   412 C CD2 . LEU B 1 20 ? 4.547   14.702  6.054   1.00 7.64  ? 19  LEU B CD2 1 
ATOM   413 N N   . GLU B 1 21 ? 8.116   12.069  2.956   1.00 9.38  ? 20  GLU B N   1 
ATOM   414 C CA  . GLU B 1 21 ? 9.541   11.994  2.645   1.00 10.15 ? 20  GLU B CA  1 
ATOM   415 C C   . GLU B 1 21 ? 9.885   12.844  1.428   1.00 11.82 ? 20  GLU B C   1 
ATOM   416 O O   . GLU B 1 21 ? 10.911  13.537  1.417   1.00 10.81 ? 20  GLU B O   1 
ATOM   417 C CB  . GLU B 1 21 ? 9.948   10.538  2.430   1.00 14.11 ? 20  GLU B CB  1 
ATOM   418 C CG  . GLU B 1 21 ? 10.188  9.790   3.732   1.00 9.92  ? 20  GLU B CG  1 
ATOM   419 C CD  . GLU B 1 21 ? 10.388  8.313   3.510   1.00 12.48 ? 20  GLU B CD  1 
ATOM   420 O OE1 . GLU B 1 21 ? 10.681  7.608   4.490   1.00 9.87  ? 20  GLU B OE1 1 
ATOM   421 O OE2 . GLU B 1 21 ? 10.250  7.859   2.357   1.00 12.83 ? 20  GLU B OE2 1 
ATOM   422 N N   . LYS B 1 22 ? 9.039   12.815  0.393   1.00 10.23 ? 21  LYS B N   1 
ATOM   423 C CA  . LYS B 1 22 ? 9.294   13.634  -0.789  1.00 11.55 ? 21  LYS B CA  1 
ATOM   424 C C   . LYS B 1 22 ? 9.245   15.126  -0.461  1.00 12.12 ? 21  LYS B C   1 
ATOM   425 O O   . LYS B 1 22 ? 10.097  15.898  -0.918  1.00 11.70 ? 21  LYS B O   1 
ATOM   426 C CB  . LYS B 1 22 ? 8.282   13.294  -1.893  1.00 12.00 ? 21  LYS B CB  1 
ATOM   427 C CG  . LYS B 1 22 ? 8.459   11.900  -2.515  1.00 10.74 ? 21  LYS B CG  1 
ATOM   428 C CD  . LYS B 1 22 ? 7.273   11.528  -3.440  1.00 10.11 ? 21  LYS B CD  1 
ATOM   429 C CE  . LYS B 1 22 ? 7.270   10.024  -3.789  1.00 16.81 ? 21  LYS B CE  1 
ATOM   430 N NZ  . LYS B 1 22 ? 6.414   9.703   -4.988  1.00 15.73 ? 21  LYS B NZ  1 
ATOM   431 N N   . LYS B 1 23 ? 8.251   15.555  0.324   1.00 10.90 ? 22  LYS B N   1 
ATOM   432 C CA  . LYS B 1 23 ? 8.135   16.973  0.655   1.00 12.74 ? 22  LYS B CA  1 
ATOM   433 C C   . LYS B 1 23 ? 9.298   17.441  1.525   1.00 10.75 ? 22  LYS B C   1 
ATOM   434 O O   . LYS B 1 23 ? 9.850   18.528  1.301   1.00 10.98 ? 22  LYS B O   1 
ATOM   435 C CB  . LYS B 1 23 ? 6.800   17.247  1.358   1.00 12.74 ? 22  LYS B CB  1 
ATOM   436 C CG  . LYS B 1 23 ? 5.572   17.083  0.463   1.00 16.69 ? 22  LYS B CG  1 
ATOM   437 C CD  . LYS B 1 23 ? 4.296   17.165  1.286   1.00 18.88 ? 22  LYS B CD  1 
ATOM   438 C CE  . LYS B 1 23 ? 3.064   17.318  0.413   1.00 26.22 ? 22  LYS B CE  1 
ATOM   439 N NZ  . LYS B 1 23 ? 3.096   18.587  -0.353  1.00 29.30 ? 22  LYS B NZ  1 
ATOM   440 N N   . VAL B 1 24 ? 9.688   16.637  2.519   1.00 10.94 ? 23  VAL B N   1 
ATOM   441 C CA  . VAL B 1 24 ? 10.773  17.049  3.404   1.00 9.14  ? 23  VAL B CA  1 
ATOM   442 C C   . VAL B 1 24 ? 12.091  17.105  2.645   1.00 9.96  ? 23  VAL B C   1 
ATOM   443 O O   . VAL B 1 24 ? 12.879  18.037  2.826   1.00 10.52 ? 23  VAL B O   1 
ATOM   444 C CB  . VAL B 1 24 ? 10.854  16.120  4.630   1.00 11.16 ? 23  VAL B CB  1 
ATOM   445 C CG1 . VAL B 1 24 ? 12.141  16.373  5.411   1.00 12.76 ? 23  VAL B CG1 1 
ATOM   446 C CG2 . VAL B 1 24 ? 9.614   16.314  5.526   1.00 11.26 ? 23  VAL B CG2 1 
ATOM   447 N N   . GLU B 1 25 ? 12.351  16.130  1.766   1.00 9.95  ? 24  GLU B N   1 
ATOM   448 C CA  . GLU B 1 25 ? 13.575  16.191  0.966   1.00 10.62 ? 24  GLU B CA  1 
ATOM   449 C C   . GLU B 1 25 ? 13.584  17.423  0.061   1.00 9.46  ? 24  GLU B C   1 
ATOM   450 O O   . GLU B 1 25 ? 14.627  18.064  -0.116  1.00 13.39 ? 24  GLU B O   1 
ATOM   451 C CB  . GLU B 1 25 ? 13.749  14.915  0.141   1.00 9.22  ? 24  GLU B CB  1 
ATOM   452 C CG  . GLU B 1 25 ? 13.949  13.632  0.963   1.00 12.73 ? 24  GLU B CG  1 
ATOM   453 C CD  . GLU B 1 25 ? 15.206  13.658  1.819   1.00 16.72 ? 24  GLU B CD  1 
ATOM   454 O OE1 . GLU B 1 25 ? 15.264  12.884  2.796   1.00 21.53 ? 24  GLU B OE1 1 
ATOM   455 O OE2 . GLU B 1 25 ? 16.136  14.436  1.513   1.00 19.91 ? 24  GLU B OE2 1 
ATOM   456 N N   . ALA B 1 26 ? 12.430  17.779  -0.505  1.00 8.05  ? 25  ALA B N   1 
ATOM   457 C CA  . ALA B 1 26 ? 12.351  18.995  -1.310  1.00 10.82 ? 25  ALA B CA  1 
ATOM   458 C C   . ALA B 1 26 ? 12.703  20.226  -0.480  1.00 12.19 ? 25  ALA B C   1 
ATOM   459 O O   . ALA B 1 26 ? 13.488  21.080  -0.908  1.00 14.61 ? 25  ALA B O   1 
ATOM   460 C CB  . ALA B 1 26 ? 10.954  19.135  -1.921  1.00 13.49 ? 25  ALA B CB  1 
ATOM   461 N N   . LEU B 1 27 ? 12.143  20.323  0.725   1.00 15.10 ? 26  LEU B N   1 
ATOM   462 C CA  . LEU B 1 27 ? 12.463  21.440  1.608   1.00 12.94 ? 26  LEU B CA  1 
ATOM   463 C C   . LEU B 1 27 ? 13.939  21.447  1.998   1.00 14.33 ? 26  LEU B C   1 
ATOM   464 O O   . LEU B 1 27 ? 14.581  22.505  2.000   1.00 13.91 ? 26  LEU B O   1 
ATOM   465 C CB  . LEU B 1 27 ? 11.583  21.386  2.860   1.00 12.58 ? 26  LEU B CB  1 
ATOM   466 C CG  . LEU B 1 27 ? 10.090  21.650  2.650   1.00 16.52 ? 26  LEU B CG  1 
ATOM   467 C CD1 . LEU B 1 27 ? 9.288   21.264  3.907   1.00 12.52 ? 26  LEU B CD1 1 
ATOM   468 C CD2 . LEU B 1 27 ? 9.849   23.104  2.241   1.00 18.13 ? 26  LEU B CD2 1 
ATOM   469 N N   . GLU B 1 28 ? 14.493  20.283  2.348   1.00 11.46 ? 27  GLU B N   1 
ATOM   470 C CA  . GLU B 1 28 ? 15.886  20.230  2.794   1.00 12.62 ? 27  GLU B CA  1 
ATOM   471 C C   . GLU B 1 28 ? 16.844  20.667  1.696   1.00 16.58 ? 27  GLU B C   1 
ATOM   472 O O   . GLU B 1 28 ? 17.774  21.445  1.939   1.00 15.31 ? 27  GLU B O   1 
ATOM   473 C CB  . GLU B 1 28 ? 16.248  18.819  3.243   1.00 16.89 ? 27  GLU B CB  1 
ATOM   474 C CG  . GLU B 1 28 ? 15.795  18.484  4.625   1.00 23.60 ? 27  GLU B CG  1 
ATOM   475 C CD  . GLU B 1 28 ? 16.399  17.189  5.107   1.00 30.06 ? 27  GLU B CD  1 
ATOM   476 O OE1 . GLU B 1 28 ? 16.680  16.303  4.264   1.00 30.86 ? 27  GLU B OE1 1 
ATOM   477 O OE2 . GLU B 1 28 ? 16.603  17.066  6.328   1.00 33.62 ? 27  GLU B OE2 1 
ATOM   478 N N   . HIS B 1 29 ? 16.659  20.134  0.491   1.00 11.05 ? 28  HIS B N   1 
ATOM   479 C CA  . HIS B 1 29 ? 17.559  20.375  -0.625  1.00 11.38 ? 28  HIS B CA  1 
ATOM   480 C C   . HIS B 1 29 ? 17.205  21.619  -1.424  1.00 13.24 ? 28  HIS B C   1 
ATOM   481 O O   . HIS B 1 29 ? 17.977  22.007  -2.308  1.00 17.70 ? 28  HIS B O   1 
ATOM   482 C CB  . HIS B 1 29 ? 17.546  19.172  -1.569  1.00 12.74 ? 28  HIS B CB  1 
ATOM   483 C CG  . HIS B 1 29 ? 18.045  17.908  -0.946  1.00 13.47 ? 28  HIS B CG  1 
ATOM   484 N ND1 . HIS B 1 29 ? 19.382  17.668  -0.723  1.00 15.19 ? 28  HIS B ND1 1 
ATOM   485 C CD2 . HIS B 1 29 ? 17.384  16.813  -0.499  1.00 12.87 ? 28  HIS B CD2 1 
ATOM   486 C CE1 . HIS B 1 29 ? 19.528  16.475  -0.170  1.00 15.16 ? 28  HIS B CE1 1 
ATOM   487 N NE2 . HIS B 1 29 ? 18.332  15.931  -0.034  1.00 17.84 ? 28  HIS B NE2 1 
ATOM   488 N N   . GLY B 1 30 ? 16.058  22.233  -1.154  1.00 13.64 ? 29  GLY B N   1 
ATOM   489 C CA  . GLY B 1 30 ? 15.627  23.396  -1.910  1.00 17.01 ? 29  GLY B CA  1 
ATOM   490 C C   . GLY B 1 30 ? 15.221  23.113  -3.343  1.00 21.07 ? 29  GLY B C   1 
ATOM   491 O O   . GLY B 1 30 ? 15.413  23.973  -4.215  1.00 16.32 ? 29  GLY B O   1 
ATOM   492 N N   . TRP B 1 31 ? 14.645  21.937  -3.607  1.00 17.45 ? 30  TRP B N   1 
ATOM   493 C CA  . TRP B 1 31 ? 14.324  21.536  -4.972  1.00 15.93 ? 30  TRP B CA  1 
ATOM   494 C C   . TRP B 1 31 ? 13.320  22.488  -5.612  1.00 21.80 ? 30  TRP B C   1 
ATOM   495 O O   . TRP B 1 31 ? 12.264  22.769  -5.038  1.00 22.12 ? 30  TRP B O   1 
ATOM   496 C CB  . TRP B 1 31 ? 13.758  20.121  -4.993  1.00 15.39 ? 30  TRP B CB  1 
ATOM   497 C CG  . TRP B 1 31 ? 14.762  19.055  -4.684  1.00 13.07 ? 30  TRP B CG  1 
ATOM   498 C CD1 . TRP B 1 31 ? 16.130  19.151  -4.756  1.00 14.22 ? 30  TRP B CD1 1 
ATOM   499 C CD2 . TRP B 1 31 ? 14.471  17.731  -4.247  1.00 12.30 ? 30  TRP B CD2 1 
ATOM   500 N NE1 . TRP B 1 31 ? 16.703  17.952  -4.405  1.00 13.47 ? 30  TRP B NE1 1 
ATOM   501 C CE2 . TRP B 1 31 ? 15.709  17.068  -4.074  1.00 13.89 ? 30  TRP B CE2 1 
ATOM   502 C CE3 . TRP B 1 31 ? 13.281  17.034  -3.987  1.00 13.88 ? 30  TRP B CE3 1 
ATOM   503 C CZ2 . TRP B 1 31 ? 15.786  15.740  -3.650  1.00 11.22 ? 30  TRP B CZ2 1 
ATOM   504 C CZ3 . TRP B 1 31 ? 13.362  15.714  -3.564  1.00 11.76 ? 30  TRP B CZ3 1 
ATOM   505 C CH2 . TRP B 1 31 ? 14.605  15.084  -3.397  1.00 11.19 ? 30  TRP B CH2 1 
ATOM   506 N N   . ASP B 1 32 ? 13.660  22.957  -6.819  1.00 21.71 ? 31  ASP B N   1 
ATOM   507 C CA  . ASP B 1 32 ? 12.801  23.819  -7.638  1.00 22.63 ? 31  ASP B CA  1 
ATOM   508 C C   . ASP B 1 32 ? 12.446  25.115  -6.929  1.00 23.63 ? 31  ASP B C   1 
ATOM   509 O O   . ASP B 1 32 ? 11.394  25.707  -7.201  1.00 23.45 ? 31  ASP B O   1 
ATOM   510 C CB  . ASP B 1 32 ? 11.523  23.095  -8.061  1.00 21.99 ? 31  ASP B CB  1 
ATOM   511 C CG  . ASP B 1 32 ? 11.796  21.906  -8.942  1.00 24.59 ? 31  ASP B CG  1 
ATOM   512 O OD1 . ASP B 1 32 ? 11.815  20.764  -8.418  1.00 19.07 ? 31  ASP B OD1 1 
ATOM   513 O OD2 . ASP B 1 32 ? 11.996  22.126  -10.158 1.00 25.22 ? 31  ASP B OD2 1 
ATOM   514 N N   . GLY B 1 33 ? 13.311  25.563  -6.023  1.00 21.44 ? 32  GLY B N   1 
ATOM   515 C CA  . GLY B 1 33 ? 13.030  26.751  -5.247  1.00 21.82 ? 32  GLY B CA  1 
ATOM   516 C C   . GLY B 1 33 ? 12.087  26.539  -4.088  1.00 30.11 ? 32  GLY B C   1 
ATOM   517 O O   . GLY B 1 33 ? 11.635  27.527  -3.494  1.00 31.68 ? 32  GLY B O   1 
ATOM   518 N N   . ARG B 1 34 ? 11.765  25.288  -3.756  1.00 25.36 ? 33  ARG B N   1 
ATOM   519 C CA  . ARG B 1 34 ? 10.957  24.981  -2.579  1.00 26.06 ? 33  ARG B CA  1 
ATOM   520 C C   . ARG B 1 34 ? 11.785  25.161  -1.308  1.00 26.91 ? 33  ARG B C   1 
ATOM   521 O O   . ARG B 1 34 ? 11.231  25.321  -0.219  1.00 29.88 ? 33  ARG B O   1 
ATOM   522 C CB  . ARG B 1 34 ? 10.412  23.549  -2.647  1.00 23.31 ? 33  ARG B CB  1 
ATOM   523 C CG  . ARG B 1 34 ? 9.252   23.350  -3.609  1.00 23.63 ? 33  ARG B CG  1 
ATOM   524 C CD  . ARG B 1 34 ? 8.938   21.860  -3.773  1.00 19.35 ? 33  ARG B CD  1 
ATOM   525 N NE  . ARG B 1 34 ? 9.734   21.260  -4.843  1.00 25.34 ? 33  ARG B NE  1 
ATOM   526 C CZ  . ARG B 1 34 ? 9.552   20.035  -5.328  1.00 26.34 ? 33  ARG B CZ  1 
ATOM   527 N NH1 . ARG B 1 34 ? 8.591   19.253  -4.840  1.00 23.30 ? 33  ARG B NH1 1 
ATOM   528 N NH2 . ARG B 1 34 ? 10.335  19.592  -6.307  1.00 19.72 ? 33  ARG B NH2 1 
HETATM 529 O OH2 . 1PE C 2 .  ? 7.723   -4.497  0.490   1.00 42.15 ? 101 1PE B OH2 1 
HETATM 530 C C12 . 1PE C 2 .  ? 6.369   -4.803  0.703   1.00 34.00 ? 101 1PE B C12 1 
HETATM 531 C C22 . 1PE C 2 .  ? 5.826   -5.422  -0.617  1.00 38.59 ? 101 1PE B C22 1 
HETATM 532 O OH3 . 1PE C 2 .  ? 4.499   -5.950  -0.396  1.00 37.00 ? 101 1PE B OH3 1 
HETATM 533 C C13 . 1PE C 2 .  ? 2.309   -5.645  0.576   1.00 25.92 ? 101 1PE B C13 1 
HETATM 534 C C23 . 1PE C 2 .  ? 3.777   -5.218  0.596   1.00 24.47 ? 101 1PE B C23 1 
HETATM 535 O OH4 . 1PE C 2 .  ? 1.644   -4.873  -0.401  1.00 33.78 ? 101 1PE B OH4 1 
HETATM 536 C C14 . 1PE C 2 .  ? 0.948   -2.650  -0.914  1.00 21.93 ? 101 1PE B C14 1 
HETATM 537 C C24 . 1PE C 2 .  ? 1.157   -3.682  0.161   1.00 19.55 ? 101 1PE B C24 1 
HETATM 538 O OH5 . 1PE C 2 .  ? 0.785   -1.374  -0.315  1.00 26.97 ? 101 1PE B OH5 1 
HETATM 539 C C15 . 1PE C 2 .  ? 1.811   0.791   0.008   1.00 19.66 ? 101 1PE B C15 1 
HETATM 540 C C25 . 1PE C 2 .  ? 2.032   -0.729  -0.122  1.00 18.37 ? 101 1PE B C25 1 
HETATM 541 O OH6 . 1PE C 2 .  ? 3.083   1.462   -0.015  1.00 22.80 ? 101 1PE B OH6 1 
HETATM 542 C C16 . 1PE C 2 .  ? 5.030   2.013   -1.355  1.00 25.11 ? 101 1PE B C16 1 
HETATM 543 C C26 . 1PE C 2 .  ? 3.916   0.975   -1.058  1.00 22.55 ? 101 1PE B C26 1 
HETATM 544 O OH7 . 1PE C 2 .  ? 5.531   1.675   -2.638  1.00 26.49 ? 101 1PE B OH7 1 
HETATM 545 O O   . HOH D 3 .  ? -9.632  -1.311  -5.560  1.00 21.30 ? 101 HOH A O   1 
HETATM 546 O O   . HOH D 3 .  ? -12.072 -26.232 7.497   1.00 21.64 ? 102 HOH A O   1 
HETATM 547 O O   . HOH D 3 .  ? -5.239  -27.657 9.273   1.00 17.25 ? 103 HOH A O   1 
HETATM 548 O O   . HOH D 3 .  ? 3.419   12.779  -3.106  1.00 15.07 ? 104 HOH A O   1 
HETATM 549 O O   . HOH D 3 .  ? 4.064   10.124  -3.116  1.00 14.63 ? 105 HOH A O   1 
HETATM 550 O O   . HOH D 3 .  ? -10.103 -26.774 -1.927  1.00 29.62 ? 106 HOH A O   1 
HETATM 551 O O   . HOH D 3 .  ? -7.539  -13.290 1.817   1.00 16.03 ? 107 HOH A O   1 
HETATM 552 O O   . HOH D 3 .  ? -13.101 -0.990  -2.478  1.00 28.40 ? 108 HOH A O   1 
HETATM 553 O O   . HOH D 3 .  ? -4.073  -7.715  1.732   1.00 14.44 ? 109 HOH A O   1 
HETATM 554 O O   . HOH D 3 .  ? -8.984  -18.494 3.063   1.00 19.01 ? 110 HOH A O   1 
HETATM 555 O O   . HOH D 3 .  ? 2.193   0.860   -3.604  1.00 14.21 ? 111 HOH A O   1 
HETATM 556 O O   . HOH D 3 .  ? -0.319  -7.377  -4.639  1.00 12.20 ? 112 HOH A O   1 
HETATM 557 O O   . HOH D 3 .  ? -1.058  -13.671 -8.711  1.00 9.29  ? 113 HOH A O   1 
HETATM 558 O O   . HOH D 3 .  ? 0.893   -9.957  -3.998  1.00 15.93 ? 114 HOH A O   1 
HETATM 559 O O   . HOH D 3 .  ? -9.348  2.526   -4.105  1.00 32.99 ? 115 HOH A O   1 
HETATM 560 O O   . HOH D 3 .  ? -7.910  0.953   -6.183  1.00 11.87 ? 116 HOH A O   1 
HETATM 561 O O   . HOH D 3 .  ? 0.766   15.284  -4.279  1.00 27.74 ? 117 HOH A O   1 
HETATM 562 O O   . HOH D 3 .  ? -4.481  -29.862 -2.650  1.00 30.72 ? 118 HOH A O   1 
HETATM 563 O O   . HOH D 3 .  ? -10.479 4.688   -4.924  1.00 23.90 ? 119 HOH A O   1 
HETATM 564 O O   . HOH D 3 .  ? 0.809   14.984  0.473   1.00 32.04 ? 120 HOH A O   1 
HETATM 565 O O   . HOH D 3 .  ? 1.834   -9.068  -1.733  1.00 24.05 ? 121 HOH A O   1 
HETATM 566 O O   . HOH D 3 .  ? -2.731  -17.060 -5.665  1.00 14.62 ? 122 HOH A O   1 
HETATM 567 O O   . HOH D 3 .  ? -2.693  14.893  -0.321  1.00 35.45 ? 123 HOH A O   1 
HETATM 568 O O   . HOH D 3 .  ? -0.380  8.488   -1.924  1.00 17.57 ? 124 HOH A O   1 
HETATM 569 O O   . HOH D 3 .  ? 0.297   14.701  -9.537  1.00 30.81 ? 125 HOH A O   1 
HETATM 570 O O   . HOH D 3 .  ? -1.948  16.814  -9.997  1.00 30.72 ? 126 HOH A O   1 
HETATM 571 O O   . HOH D 3 .  ? -3.919  13.495  -3.975  1.00 25.29 ? 127 HOH A O   1 
HETATM 572 O O   . HOH D 3 .  ? -4.340  -18.354 2.855   1.00 22.34 ? 128 HOH A O   1 
HETATM 573 O O   . HOH D 3 .  ? -3.916  -19.582 5.217   1.00 26.91 ? 129 HOH A O   1 
HETATM 574 O O   . HOH D 3 .  ? -9.996  -19.567 0.535   1.00 19.76 ? 130 HOH A O   1 
HETATM 575 O O   . HOH D 3 .  ? 1.572   2.860   -4.925  1.00 14.62 ? 131 HOH A O   1 
HETATM 576 O O   . HOH D 3 .  ? 0.590   14.113  -6.819  1.00 24.95 ? 132 HOH A O   1 
HETATM 577 O O   . HOH D 3 .  ? -0.052  14.663  -12.619 1.00 37.27 ? 133 HOH A O   1 
HETATM 578 O O   . HOH D 3 .  ? -0.309  11.745  1.854   1.00 16.47 ? 134 HOH A O   1 
HETATM 579 O O   . HOH D 3 .  ? -12.151 -0.857  -6.269  1.00 39.78 ? 135 HOH A O   1 
HETATM 580 O O   . HOH D 3 .  ? -7.273  -2.386  -0.287  1.00 23.52 ? 136 HOH A O   1 
HETATM 581 O O   . HOH D 3 .  ? -5.028  -30.481 1.543   1.00 32.74 ? 137 HOH A O   1 
HETATM 582 O O   . HOH D 3 .  ? -10.380 0.327   -1.929  1.00 30.83 ? 138 HOH A O   1 
HETATM 583 O O   . HOH D 3 .  ? -10.320 -11.382 -1.329  1.00 14.48 ? 139 HOH A O   1 
HETATM 584 O O   . HOH D 3 .  ? -6.717  0.147   0.567   1.00 37.73 ? 140 HOH A O   1 
HETATM 585 O O   . HOH D 3 .  ? -7.601  -15.524 3.742   1.00 26.02 ? 141 HOH A O   1 
HETATM 586 O O   . HOH E 3 .  ? 18.261  15.008  3.247   1.00 29.75 ? 201 HOH B O   1 
HETATM 587 O O   . HOH E 3 .  ? 16.319  18.886  7.964   1.00 21.80 ? 202 HOH B O   1 
HETATM 588 O O   . HOH E 3 .  ? 7.257   19.347  -2.685  1.00 20.21 ? 203 HOH B O   1 
HETATM 589 O O   . HOH E 3 .  ? -9.286  -7.308  0.158   1.00 12.74 ? 204 HOH B O   1 
HETATM 590 O O   . HOH E 3 .  ? 4.552   14.522  -1.273  1.00 18.16 ? 205 HOH B O   1 
HETATM 591 O O   . HOH E 3 .  ? 1.899   -2.608  2.630   1.00 13.24 ? 206 HOH B O   1 
HETATM 592 O O   . HOH E 3 .  ? -3.956  -10.143 3.117   1.00 14.14 ? 207 HOH B O   1 
HETATM 593 O O   . HOH E 3 .  ? 12.839  12.787  3.883   1.00 18.94 ? 208 HOH B O   1 
HETATM 594 O O   . HOH E 3 .  ? -2.727  11.825  3.242   1.00 21.48 ? 209 HOH B O   1 
HETATM 595 O O   . HOH E 3 .  ? 9.483   27.554  -6.816  1.00 21.97 ? 210 HOH B O   1 
HETATM 596 O O   . HOH E 3 .  ? 12.031  8.625   6.581   1.00 7.30  ? 211 HOH B O   1 
HETATM 597 O O   . HOH E 3 .  ? -10.925 -6.790  6.903   1.00 24.98 ? 212 HOH B O   1 
HETATM 598 O O   . HOH E 3 .  ? -9.296  -11.476 6.065   1.00 26.38 ? 213 HOH B O   1 
HETATM 599 O O   . HOH E 3 .  ? 2.693   8.276   -1.478  1.00 12.06 ? 214 HOH B O   1 
HETATM 600 O O   . HOH E 3 .  ? 6.727   -0.496  6.127   1.00 13.57 ? 215 HOH B O   1 
HETATM 601 O O   . HOH E 3 .  ? 12.900  24.552  2.870   1.00 50.43 ? 216 HOH B O   1 
HETATM 602 O O   . HOH E 3 .  ? 10.473  16.813  -6.477  1.00 26.21 ? 217 HOH B O   1 
HETATM 603 O O   . HOH E 3 .  ? -6.331  -11.440 3.512   1.00 17.82 ? 218 HOH B O   1 
HETATM 604 O O   . HOH E 3 .  ? 11.167  30.291  -3.682  1.00 38.68 ? 219 HOH B O   1 
HETATM 605 O O   . HOH E 3 .  ? 8.840   5.442   2.095   1.00 12.94 ? 220 HOH B O   1 
HETATM 606 O O   . HOH E 3 .  ? 14.201  23.682  -10.971 1.00 16.80 ? 221 HOH B O   1 
HETATM 607 O O   . HOH E 3 .  ? 6.755   4.412   3.587   1.00 14.19 ? 222 HOH B O   1 
HETATM 608 O O   . HOH E 3 .  ? 8.385   4.334   -0.170  1.00 20.92 ? 223 HOH B O   1 
HETATM 609 O O   . HOH E 3 .  ? 0.250   -3.712  4.594   1.00 15.70 ? 224 HOH B O   1 
HETATM 610 O O   . HOH E 3 .  ? -10.235 -4.563  5.438   1.00 37.51 ? 225 HOH B O   1 
HETATM 611 O O   . HOH E 3 .  ? -7.741  -10.789 8.136   1.00 24.14 ? 226 HOH B O   1 
HETATM 612 O O   . HOH E 3 .  ? -2.525  6.812   2.365   1.00 17.72 ? 227 HOH B O   1 
HETATM 613 O O   . HOH E 3 .  ? -12.068 -1.885  4.576   1.00 33.50 ? 228 HOH B O   1 
HETATM 614 O O   . HOH E 3 .  ? 7.674   -4.149  3.420   1.00 30.61 ? 229 HOH B O   1 
HETATM 615 O O   . HOH E 3 .  ? -5.728  -5.816  3.049   1.00 20.04 ? 230 HOH B O   1 
HETATM 616 O O   . HOH E 3 .  ? -7.669  -11.506 10.962  1.00 27.41 ? 231 HOH B O   1 
HETATM 617 O O   . HOH E 3 .  ? 7.568   -0.690  -2.420  1.00 37.37 ? 232 HOH B O   1 
HETATM 618 O O   . HOH E 3 .  ? -12.533 -8.311  2.820   1.00 31.33 ? 233 HOH B O   1 
HETATM 619 O O   . HOH E 3 .  ? 9.679   15.981  -4.108  1.00 37.16 ? 234 HOH B O   1 
HETATM 620 O O   . HOH E 3 .  ? 18.380  22.527  5.005   1.00 27.04 ? 235 HOH B O   1 
HETATM 621 O O   . HOH E 3 .  ? 8.362   26.416  -4.298  1.00 38.69 ? 236 HOH B O   1 
HETATM 622 O O   . HOH E 3 .  ? -7.647  -5.065  0.902   1.00 21.98 ? 237 HOH B O   1 
HETATM 623 O O   . HOH E 3 .  ? 2.521   14.894  2.780   1.00 17.18 ? 238 HOH B O   1 
HETATM 624 O O   . HOH E 3 .  ? -1.182  9.030   0.704   1.00 18.61 ? 239 HOH B O   1 
HETATM 625 O O   . HOH E 3 .  ? 10.503  30.248  -6.171  1.00 37.03 ? 240 HOH B O   1 
HETATM 626 O O   . HOH E 3 .  ? 5.862   16.650  -3.296  1.00 27.46 ? 241 HOH B O   1 
HETATM 627 O O   . HOH E 3 .  ? 7.574   1.954   4.647   1.00 21.55 ? 242 HOH B O   1 
HETATM 628 O O   . HOH E 3 .  ? 8.691   -2.065  4.709   1.00 32.13 ? 243 HOH B O   1 
HETATM 629 O O   . HOH E 3 .  ? 7.476   -0.294  1.348   1.00 37.72 ? 244 HOH B O   1 
HETATM 630 O O   . HOH E 3 .  ? 2.988   16.909  -4.498  1.00 28.47 ? 245 HOH B O   1 
HETATM 631 O O   . HOH E 3 .  ? -9.241  -14.157 5.381   1.00 28.68 ? 246 HOH B O   1 
HETATM 632 O O   . HOH E 3 .  ? 7.538   1.829   2.352   1.00 30.24 ? 247 HOH B O   1 
HETATM 633 O O   . HOH E 3 .  ? -5.918  7.148   5.527   1.00 29.91 ? 248 HOH B O   1 
HETATM 634 O O   . HOH E 3 .  ? -4.900  7.271   3.088   1.00 28.88 ? 249 HOH B O   1 
HETATM 635 O O   . HOH E 3 .  ? -13.912 -9.648  16.391  1.00 32.96 ? 250 HOH B O   1 
HETATM 636 O O   . HOH E 3 .  ? 11.717  24.810  5.431   0.33 35.37 ? 251 HOH B O   1 
# 
